data_8AHZ
#
_entry.id   8AHZ
#
_cell.length_a   84.310
_cell.length_b   84.310
_cell.length_c   230.190
_cell.angle_alpha   90.000
_cell.angle_beta   90.000
_cell.angle_gamma   90.000
#
_symmetry.space_group_name_H-M   'P 41 21 2'
#
loop_
_entity.id
_entity.type
_entity.pdbx_description
1 polymer 'Enoyl-CoA hydratase'
2 non-polymer 1,2-ETHANEDIOL
3 non-polymer IMIDAZOLE
4 non-polymer 'CHLORIDE ION'
5 water water
#
_entity_poly.entity_id   1
_entity_poly.type   'polypeptide(L)'
_entity_poly.pdbx_seq_one_letter_code
;GPGSVRVVRGRGLLRAVLDRPERRNPIDAGLLTSLARALDQAESDQDCRVFVLSSTGEDFCAGTDLSGGDPAPEPLPDGA
ELPYWTLLERLTRSPLATVAVVDGRATAGGVGLAAACDLVLAGERARFRLTEVLAGLVPA(MSE)ALPFVARRTGEQRAF
AATLRAEEFDAGAAHRVGLADLAGPRAEDLLPPVLAGLGRTDRSTTAALKEYRARLFPRDARLGHDASRLLIERFAAPGT
GQLLARLREAGAAA
;
_entity_poly.pdbx_strand_id   A,B,C
#
# COMPACT_ATOMS: atom_id res chain seq x y z
N GLY A 1 35.68 -6.23 -21.62
CA GLY A 1 36.53 -5.02 -21.80
C GLY A 1 35.96 -3.81 -21.05
N PRO A 2 34.94 -3.12 -21.62
CA PRO A 2 34.43 -1.87 -21.03
C PRO A 2 33.93 -2.05 -19.59
N GLY A 3 34.38 -1.17 -18.68
CA GLY A 3 33.91 -1.08 -17.29
C GLY A 3 32.40 -0.92 -17.27
N SER A 4 31.68 -1.71 -16.49
CA SER A 4 30.19 -1.62 -16.44
C SER A 4 29.76 -0.30 -15.79
N VAL A 5 30.59 0.23 -14.90
CA VAL A 5 30.25 1.42 -14.06
C VAL A 5 31.36 2.46 -14.14
N ARG A 6 30.97 3.72 -14.33
N ARG A 6 30.97 3.72 -14.35
CA ARG A 6 31.88 4.89 -14.27
CA ARG A 6 31.90 4.87 -14.26
C ARG A 6 31.53 5.66 -13.00
C ARG A 6 31.54 5.67 -13.01
N VAL A 7 32.51 5.91 -12.13
CA VAL A 7 32.27 6.66 -10.86
C VAL A 7 32.65 8.12 -11.06
N VAL A 8 31.77 9.03 -10.65
CA VAL A 8 32.02 10.50 -10.68
C VAL A 8 31.80 11.03 -9.26
N ARG A 9 32.80 11.70 -8.68
CA ARG A 9 32.65 12.35 -7.35
C ARG A 9 32.15 13.78 -7.51
N GLY A 10 31.27 14.21 -6.61
CA GLY A 10 30.82 15.61 -6.46
C GLY A 10 30.88 16.03 -5.01
N ARG A 11 30.56 17.29 -4.67
CA ARG A 11 30.50 17.72 -3.26
C ARG A 11 29.27 17.07 -2.63
N GLY A 12 29.51 16.20 -1.65
CA GLY A 12 28.40 15.58 -0.91
C GLY A 12 27.79 14.38 -1.60
N LEU A 13 28.34 14.00 -2.76
CA LEU A 13 27.69 12.91 -3.52
C LEU A 13 28.66 12.05 -4.32
N LEU A 14 28.27 10.79 -4.53
CA LEU A 14 29.03 9.91 -5.44
C LEU A 14 28.03 9.40 -6.48
N ARG A 15 28.42 9.46 -7.75
CA ARG A 15 27.52 9.06 -8.87
C ARG A 15 28.05 7.83 -9.61
N ALA A 16 27.34 6.72 -9.55
CA ALA A 16 27.66 5.48 -10.26
C ALA A 16 26.88 5.50 -11.57
N VAL A 17 27.58 5.59 -12.68
CA VAL A 17 26.94 5.64 -14.03
C VAL A 17 27.07 4.26 -14.69
N LEU A 18 25.96 3.62 -14.99
CA LEU A 18 25.93 2.40 -15.81
C LEU A 18 26.36 2.84 -17.21
N ASP A 19 27.50 2.34 -17.68
CA ASP A 19 28.25 2.95 -18.81
C ASP A 19 28.50 1.97 -19.97
N ARG A 20 27.53 1.12 -20.30
CA ARG A 20 27.58 0.21 -21.49
C ARG A 20 26.31 0.38 -22.31
N PRO A 21 26.09 1.57 -22.91
CA PRO A 21 24.81 1.85 -23.56
C PRO A 21 24.55 0.92 -24.75
N GLU A 22 25.60 0.53 -25.46
CA GLU A 22 25.41 -0.27 -26.69
C GLU A 22 25.08 -1.72 -26.31
N ARG A 23 25.34 -2.14 -25.07
CA ARG A 23 24.94 -3.47 -24.54
C ARG A 23 23.60 -3.37 -23.78
N ARG A 24 23.00 -2.18 -23.71
CA ARG A 24 21.72 -1.88 -23.00
C ARG A 24 21.93 -2.01 -21.48
N ASN A 25 23.14 -1.80 -20.98
CA ASN A 25 23.39 -1.74 -19.51
C ASN A 25 22.82 -2.97 -18.81
N PRO A 26 23.28 -4.17 -19.19
CA PRO A 26 22.76 -5.41 -18.61
C PRO A 26 23.31 -5.66 -17.20
N ILE A 27 22.60 -6.46 -16.42
CA ILE A 27 23.07 -6.95 -15.10
C ILE A 27 23.91 -8.19 -15.34
N ASP A 28 25.17 -8.15 -14.93
CA ASP A 28 26.08 -9.32 -14.89
C ASP A 28 26.85 -9.24 -13.58
N ALA A 29 27.64 -10.27 -13.26
CA ALA A 29 28.39 -10.33 -11.98
C ALA A 29 29.24 -9.07 -11.84
N GLY A 30 29.85 -8.62 -12.95
CA GLY A 30 30.72 -7.42 -12.98
C GLY A 30 29.97 -6.16 -12.61
N LEU A 31 28.77 -5.93 -13.14
CA LEU A 31 27.97 -4.74 -12.77
CA LEU A 31 27.98 -4.74 -12.77
C LEU A 31 27.72 -4.77 -11.27
N LEU A 32 27.28 -5.91 -10.76
CA LEU A 32 26.86 -5.96 -9.33
C LEU A 32 28.07 -5.73 -8.43
N THR A 33 29.21 -6.36 -8.74
CA THR A 33 30.46 -6.13 -7.97
C THR A 33 30.83 -4.63 -8.03
N SER A 34 30.82 -4.04 -9.22
CA SER A 34 31.23 -2.61 -9.42
CA SER A 34 31.23 -2.61 -9.42
C SER A 34 30.29 -1.69 -8.64
N LEU A 35 28.98 -1.97 -8.63
CA LEU A 35 28.05 -1.07 -7.90
C LEU A 35 28.28 -1.24 -6.39
N ALA A 36 28.52 -2.45 -5.91
CA ALA A 36 28.82 -2.67 -4.49
C ALA A 36 30.11 -1.93 -4.11
N ARG A 37 31.14 -1.96 -4.95
CA ARG A 37 32.41 -1.25 -4.67
CA ARG A 37 32.42 -1.24 -4.71
C ARG A 37 32.15 0.27 -4.68
N ALA A 38 31.32 0.77 -5.61
CA ALA A 38 31.03 2.22 -5.66
C ALA A 38 30.34 2.62 -4.35
N LEU A 39 29.41 1.80 -3.88
CA LEU A 39 28.64 2.12 -2.66
C LEU A 39 29.61 2.08 -1.47
N ASP A 40 30.50 1.10 -1.42
CA ASP A 40 31.57 1.04 -0.37
C ASP A 40 32.35 2.37 -0.36
N GLN A 41 32.80 2.81 -1.52
CA GLN A 41 33.60 4.05 -1.68
C GLN A 41 32.78 5.21 -1.12
N ALA A 42 31.52 5.32 -1.54
CA ALA A 42 30.64 6.43 -1.12
C ALA A 42 30.44 6.42 0.40
N GLU A 43 30.20 5.26 1.00
CA GLU A 43 29.95 5.15 2.45
C GLU A 43 31.23 5.46 3.24
N SER A 44 32.39 5.08 2.71
N SER A 44 32.40 5.06 2.72
CA SER A 44 33.70 5.30 3.36
CA SER A 44 33.71 5.30 3.39
C SER A 44 33.98 6.79 3.53
C SER A 44 33.96 6.81 3.54
N ASP A 45 33.51 7.61 2.59
CA ASP A 45 33.71 9.07 2.64
C ASP A 45 32.66 9.67 3.55
N GLN A 46 33.07 10.11 4.76
CA GLN A 46 32.08 10.54 5.76
C GLN A 46 31.40 11.84 5.30
N ASP A 47 31.90 12.55 4.30
CA ASP A 47 31.24 13.78 3.78
C ASP A 47 30.29 13.45 2.64
N CYS A 48 30.29 12.21 2.15
CA CYS A 48 29.32 11.78 1.13
C CYS A 48 27.95 11.60 1.80
N ARG A 49 26.90 12.19 1.24
CA ARG A 49 25.54 12.12 1.83
C ARG A 49 24.58 11.43 0.84
N VAL A 50 24.91 11.39 -0.44
CA VAL A 50 23.97 10.90 -1.48
C VAL A 50 24.74 9.96 -2.41
N PHE A 51 24.13 8.85 -2.77
CA PHE A 51 24.61 7.92 -3.81
C PHE A 51 23.64 7.99 -4.97
N VAL A 52 24.13 8.36 -6.14
CA VAL A 52 23.25 8.57 -7.31
C VAL A 52 23.55 7.46 -8.31
N LEU A 53 22.51 6.73 -8.70
CA LEU A 53 22.61 5.68 -9.73
C LEU A 53 22.00 6.27 -11.00
N SER A 54 22.80 6.44 -12.02
CA SER A 54 22.30 6.96 -13.32
C SER A 54 22.87 6.11 -14.44
N SER A 55 22.50 6.40 -15.68
CA SER A 55 22.79 5.48 -16.78
C SER A 55 22.96 6.24 -18.09
N THR A 56 23.02 5.49 -19.19
CA THR A 56 23.44 5.97 -20.53
C THR A 56 22.56 5.31 -21.59
N GLY A 57 22.36 6.02 -22.70
CA GLY A 57 21.65 5.50 -23.89
C GLY A 57 20.18 5.26 -23.60
N GLU A 58 19.59 4.30 -24.31
CA GLU A 58 18.12 4.12 -24.33
C GLU A 58 17.65 3.29 -23.14
N ASP A 59 18.55 2.48 -22.58
CA ASP A 59 18.23 1.55 -21.49
C ASP A 59 18.93 2.00 -20.21
N PHE A 60 18.14 2.33 -19.18
CA PHE A 60 18.65 2.53 -17.82
C PHE A 60 19.38 1.23 -17.43
N CYS A 61 18.64 0.12 -17.52
CA CYS A 61 19.20 -1.20 -17.16
C CYS A 61 18.26 -2.26 -17.73
N ALA A 62 18.78 -3.14 -18.59
CA ALA A 62 17.93 -4.13 -19.28
C ALA A 62 17.77 -5.42 -18.48
N GLY A 63 18.38 -5.49 -17.30
CA GLY A 63 18.36 -6.75 -16.52
C GLY A 63 19.34 -7.77 -17.06
N THR A 64 19.16 -9.03 -16.69
CA THR A 64 20.15 -10.10 -17.00
CA THR A 64 20.15 -10.10 -17.00
C THR A 64 19.92 -10.60 -18.43
N ASP A 65 21.01 -10.87 -19.15
CA ASP A 65 21.00 -11.43 -20.53
C ASP A 65 20.49 -12.88 -20.49
N LEU A 76 21.61 -23.65 -4.08
CA LEU A 76 21.93 -22.47 -3.23
C LEU A 76 22.04 -22.95 -1.79
N PRO A 77 23.18 -22.74 -1.10
CA PRO A 77 23.33 -23.17 0.29
C PRO A 77 22.22 -22.56 1.15
N ASP A 78 21.81 -23.28 2.19
CA ASP A 78 20.74 -22.81 3.11
C ASP A 78 21.10 -21.44 3.70
N GLY A 79 20.16 -20.49 3.62
CA GLY A 79 20.32 -19.13 4.15
C GLY A 79 21.08 -18.20 3.23
N ALA A 80 21.67 -18.69 2.15
CA ALA A 80 22.53 -17.88 1.25
C ALA A 80 21.65 -16.99 0.38
N GLU A 81 22.16 -15.81 0.04
CA GLU A 81 21.45 -14.82 -0.81
C GLU A 81 22.32 -14.57 -2.03
N LEU A 82 21.69 -14.38 -3.20
CA LEU A 82 22.40 -13.98 -4.44
C LEU A 82 22.86 -12.53 -4.33
N PRO A 83 23.97 -12.19 -5.01
CA PRO A 83 24.52 -10.82 -5.00
C PRO A 83 23.50 -9.73 -5.36
N TYR A 84 22.58 -9.99 -6.29
CA TYR A 84 21.58 -8.98 -6.66
C TYR A 84 20.76 -8.62 -5.43
N TRP A 85 20.31 -9.61 -4.65
CA TRP A 85 19.55 -9.36 -3.41
C TRP A 85 20.37 -8.50 -2.44
N THR A 86 21.62 -8.89 -2.20
N THR A 86 21.63 -8.86 -2.20
CA THR A 86 22.55 -8.20 -1.26
CA THR A 86 22.46 -8.17 -1.20
C THR A 86 22.61 -6.71 -1.62
C THR A 86 22.62 -6.69 -1.62
N LEU A 87 22.79 -6.42 -2.92
CA LEU A 87 22.92 -5.01 -3.40
C LEU A 87 21.62 -4.25 -3.17
N LEU A 88 20.46 -4.81 -3.56
CA LEU A 88 19.19 -4.08 -3.35
C LEU A 88 19.00 -3.80 -1.86
N GLU A 89 19.24 -4.79 -1.01
CA GLU A 89 19.11 -4.56 0.44
C GLU A 89 20.06 -3.44 0.89
N ARG A 90 21.29 -3.41 0.39
CA ARG A 90 22.23 -2.34 0.76
C ARG A 90 21.69 -0.99 0.37
N LEU A 91 21.03 -0.86 -0.79
CA LEU A 91 20.52 0.46 -1.22
C LEU A 91 19.45 0.95 -0.25
N THR A 92 18.74 0.04 0.43
CA THR A 92 17.70 0.42 1.42
C THR A 92 18.31 0.64 2.81
N ARG A 93 19.50 0.13 3.10
CA ARG A 93 20.09 0.16 4.48
C ARG A 93 21.28 1.13 4.55
N SER A 94 21.75 1.62 3.41
CA SER A 94 22.90 2.57 3.34
C SER A 94 22.60 3.80 4.17
N PRO A 95 23.59 4.40 4.88
CA PRO A 95 23.36 5.69 5.54
C PRO A 95 23.20 6.83 4.53
N LEU A 96 23.59 6.56 3.29
CA LEU A 96 23.45 7.54 2.19
C LEU A 96 22.00 7.55 1.71
N ALA A 97 21.54 8.72 1.28
CA ALA A 97 20.29 8.82 0.51
C ALA A 97 20.62 8.23 -0.86
N THR A 98 19.90 7.21 -1.28
CA THR A 98 20.16 6.55 -2.57
C THR A 98 19.14 7.06 -3.57
N VAL A 99 19.59 7.48 -4.75
CA VAL A 99 18.72 8.17 -5.72
C VAL A 99 18.91 7.54 -7.08
N ALA A 100 17.82 7.04 -7.70
CA ALA A 100 17.88 6.47 -9.04
C ALA A 100 17.41 7.54 -10.03
N VAL A 101 18.23 7.77 -11.06
CA VAL A 101 17.94 8.76 -12.12
C VAL A 101 17.59 7.96 -13.37
N VAL A 102 16.30 7.82 -13.65
CA VAL A 102 15.83 6.92 -14.72
C VAL A 102 15.36 7.76 -15.91
N ASP A 103 16.15 7.75 -16.98
CA ASP A 103 15.88 8.49 -18.23
C ASP A 103 15.95 7.50 -19.39
N GLY A 104 15.47 6.28 -19.15
CA GLY A 104 15.53 5.22 -20.16
C GLY A 104 14.75 4.01 -19.71
N ARG A 105 14.83 2.92 -20.47
CA ARG A 105 14.06 1.70 -20.16
C ARG A 105 14.72 0.96 -19.00
N ALA A 106 13.94 0.65 -17.95
CA ALA A 106 14.32 -0.26 -16.84
C ALA A 106 13.53 -1.54 -17.04
N THR A 107 14.21 -2.62 -17.38
CA THR A 107 13.52 -3.88 -17.76
C THR A 107 13.95 -4.97 -16.79
N ALA A 108 13.00 -5.78 -16.35
CA ALA A 108 13.33 -6.94 -15.50
C ALA A 108 14.10 -6.48 -14.27
N GLY A 109 15.26 -7.09 -14.01
CA GLY A 109 16.06 -6.75 -12.83
C GLY A 109 16.39 -5.26 -12.75
N GLY A 110 16.42 -4.58 -13.89
CA GLY A 110 16.64 -3.11 -13.89
C GLY A 110 15.61 -2.37 -13.06
N VAL A 111 14.37 -2.88 -13.01
CA VAL A 111 13.30 -2.23 -12.22
C VAL A 111 13.64 -2.31 -10.72
N GLY A 112 14.04 -3.47 -10.25
CA GLY A 112 14.40 -3.65 -8.83
C GLY A 112 15.57 -2.76 -8.44
N LEU A 113 16.55 -2.58 -9.31
CA LEU A 113 17.73 -1.75 -9.01
CA LEU A 113 17.74 -1.73 -9.05
C LEU A 113 17.28 -0.30 -8.75
N ALA A 114 16.38 0.22 -9.58
CA ALA A 114 15.83 1.58 -9.34
C ALA A 114 14.98 1.58 -8.07
N ALA A 115 14.05 0.63 -7.94
CA ALA A 115 13.03 0.60 -6.87
C ALA A 115 13.66 0.52 -5.48
N ALA A 116 14.85 -0.08 -5.35
CA ALA A 116 15.55 -0.23 -4.06
C ALA A 116 16.16 1.10 -3.59
N CYS A 117 16.27 2.10 -4.47
CA CYS A 117 16.76 3.43 -4.04
C CYS A 117 15.69 4.11 -3.18
N ASP A 118 16.13 5.00 -2.30
CA ASP A 118 15.21 5.83 -1.46
C ASP A 118 14.29 6.72 -2.32
N LEU A 119 14.86 7.33 -3.36
CA LEU A 119 14.11 8.23 -4.28
C LEU A 119 14.35 7.78 -5.71
N VAL A 120 13.28 7.61 -6.46
CA VAL A 120 13.32 7.31 -7.91
C VAL A 120 12.86 8.56 -8.64
N LEU A 121 13.70 9.06 -9.55
CA LEU A 121 13.39 10.23 -10.40
C LEU A 121 13.19 9.70 -11.82
N ALA A 122 12.06 10.03 -12.47
CA ALA A 122 11.70 9.47 -13.78
C ALA A 122 11.53 10.61 -14.78
N GLY A 123 12.30 10.59 -15.85
CA GLY A 123 12.13 11.51 -17.00
C GLY A 123 11.13 10.96 -18.00
N GLU A 124 10.86 11.74 -19.05
CA GLU A 124 9.87 11.34 -20.09
C GLU A 124 10.26 10.04 -20.78
N ARG A 125 11.55 9.70 -20.88
CA ARG A 125 12.00 8.48 -21.57
C ARG A 125 11.97 7.27 -20.62
N ALA A 126 11.67 7.47 -19.33
CA ALA A 126 11.62 6.35 -18.39
C ALA A 126 10.50 5.38 -18.79
N ARG A 127 10.81 4.09 -18.72
CA ARG A 127 9.82 3.01 -18.86
C ARG A 127 10.22 1.96 -17.83
N PHE A 128 9.28 1.37 -17.14
CA PHE A 128 9.55 0.30 -16.18
C PHE A 128 8.72 -0.91 -16.60
N ARG A 129 9.34 -2.08 -16.73
CA ARG A 129 8.56 -3.29 -17.10
C ARG A 129 9.22 -4.55 -16.56
N LEU A 130 8.50 -5.28 -15.72
CA LEU A 130 8.90 -6.62 -15.26
C LEU A 130 8.47 -7.62 -16.33
N THR A 131 9.42 -8.18 -17.06
CA THR A 131 9.15 -9.09 -18.20
C THR A 131 9.29 -10.56 -17.80
N GLU A 132 9.62 -10.83 -16.55
CA GLU A 132 10.03 -12.18 -16.07
C GLU A 132 9.00 -13.26 -16.39
N VAL A 133 7.69 -13.00 -16.25
CA VAL A 133 6.70 -14.10 -16.42
C VAL A 133 6.71 -14.54 -17.88
N LEU A 134 7.16 -13.70 -18.82
CA LEU A 134 7.14 -14.06 -20.27
C LEU A 134 8.22 -15.12 -20.53
N ALA A 135 9.18 -15.28 -19.63
CA ALA A 135 10.28 -16.27 -19.73
C ALA A 135 10.06 -17.39 -18.70
N GLY A 136 8.89 -17.41 -18.06
CA GLY A 136 8.55 -18.44 -17.06
C GLY A 136 9.21 -18.20 -15.72
N LEU A 137 9.65 -16.97 -15.47
CA LEU A 137 10.35 -16.58 -14.20
C LEU A 137 9.43 -15.76 -13.30
N VAL A 138 9.74 -15.79 -12.01
CA VAL A 138 9.13 -14.89 -10.99
C VAL A 138 10.22 -13.94 -10.56
N PRO A 139 10.01 -12.60 -10.61
CA PRO A 139 11.03 -11.62 -10.23
C PRO A 139 11.06 -11.48 -8.70
N ALA A 140 11.40 -12.59 -8.01
CA ALA A 140 11.21 -12.67 -6.55
C ALA A 140 12.14 -11.72 -5.80
N ALA A 142 13.40 -8.75 -6.88
CA ALA A 142 12.99 -7.34 -7.10
C ALA A 142 11.64 -7.01 -6.45
N LEU A 143 10.73 -7.97 -6.41
CA LEU A 143 9.33 -7.69 -5.95
C LEU A 143 9.23 -6.98 -4.59
N PRO A 144 9.95 -7.38 -3.51
CA PRO A 144 9.81 -6.67 -2.26
C PRO A 144 10.15 -5.18 -2.38
N PHE A 145 11.10 -4.84 -3.25
CA PHE A 145 11.57 -3.43 -3.41
C PHE A 145 10.56 -2.67 -4.27
N VAL A 146 9.88 -3.36 -5.19
CA VAL A 146 8.80 -2.75 -5.99
C VAL A 146 7.55 -2.59 -5.08
N ALA A 147 7.15 -3.66 -4.40
CA ALA A 147 5.87 -3.66 -3.63
C ALA A 147 5.95 -2.69 -2.44
N ARG A 148 7.15 -2.42 -1.89
CA ARG A 148 7.26 -1.46 -0.76
C ARG A 148 6.94 -0.05 -1.29
N ARG A 149 6.97 0.16 -2.60
CA ARG A 149 6.63 1.45 -3.26
C ARG A 149 5.20 1.47 -3.79
N THR A 150 4.77 0.43 -4.53
CA THR A 150 3.51 0.41 -5.29
C THR A 150 2.37 -0.22 -4.48
N GLY A 151 2.72 -0.95 -3.43
CA GLY A 151 1.75 -1.83 -2.75
C GLY A 151 1.70 -3.19 -3.42
N GLU A 152 1.24 -4.19 -2.68
CA GLU A 152 1.27 -5.60 -3.17
C GLU A 152 0.45 -5.73 -4.46
N GLN A 153 -0.76 -5.18 -4.54
CA GLN A 153 -1.64 -5.52 -5.69
C GLN A 153 -1.00 -5.02 -6.99
N ARG A 154 -0.60 -3.75 -7.05
N ARG A 154 -0.58 -3.76 -7.02
CA ARG A 154 -0.07 -3.22 -8.35
CA ARG A 154 -0.03 -3.15 -8.27
C ARG A 154 1.25 -3.93 -8.69
C ARG A 154 1.26 -3.89 -8.66
N ALA A 155 2.11 -4.24 -7.70
CA ALA A 155 3.39 -4.96 -7.97
C ALA A 155 3.11 -6.34 -8.58
N PHE A 156 2.19 -7.10 -7.99
CA PHE A 156 1.92 -8.49 -8.44
C PHE A 156 1.08 -8.47 -9.73
N ALA A 157 0.14 -7.56 -9.87
CA ALA A 157 -0.67 -7.47 -11.12
C ALA A 157 0.23 -7.01 -12.29
N ALA A 158 1.14 -6.06 -12.06
CA ALA A 158 2.08 -5.56 -13.08
C ALA A 158 3.01 -6.70 -13.50
N THR A 159 3.33 -7.59 -12.56
CA THR A 159 4.20 -8.75 -12.85
C THR A 159 3.43 -9.75 -13.70
N LEU A 160 2.20 -10.08 -13.29
CA LEU A 160 1.34 -11.07 -14.01
C LEU A 160 1.07 -10.59 -15.44
N ARG A 161 0.91 -9.29 -15.65
CA ARG A 161 0.56 -8.70 -16.97
C ARG A 161 1.80 -8.20 -17.75
N ALA A 162 3.01 -8.26 -17.18
CA ALA A 162 4.23 -7.61 -17.73
C ALA A 162 3.89 -6.18 -18.14
N GLU A 163 3.24 -5.44 -17.25
CA GLU A 163 2.73 -4.08 -17.50
C GLU A 163 3.93 -3.13 -17.69
N GLU A 164 3.85 -2.26 -18.69
CA GLU A 164 4.89 -1.20 -18.91
C GLU A 164 4.36 0.10 -18.30
N PHE A 165 5.14 0.73 -17.42
CA PHE A 165 4.83 2.05 -16.86
C PHE A 165 5.70 3.11 -17.52
N ASP A 166 5.10 4.19 -18.02
CA ASP A 166 5.90 5.39 -18.37
C ASP A 166 6.07 6.24 -17.10
N ALA A 167 6.69 7.42 -17.22
CA ALA A 167 7.07 8.24 -16.05
C ALA A 167 5.81 8.63 -15.26
N GLY A 168 4.78 9.10 -15.95
CA GLY A 168 3.50 9.48 -15.34
C GLY A 168 2.87 8.32 -14.59
N ALA A 169 2.76 7.15 -15.22
CA ALA A 169 2.17 5.94 -14.60
C ALA A 169 2.99 5.52 -13.37
N ALA A 170 4.31 5.54 -13.50
CA ALA A 170 5.23 5.17 -12.40
C ALA A 170 5.03 6.14 -11.23
N HIS A 171 4.89 7.43 -11.48
CA HIS A 171 4.68 8.43 -10.42
C HIS A 171 3.33 8.19 -9.74
N ARG A 172 2.30 7.92 -10.52
CA ARG A 172 0.92 7.76 -9.97
C ARG A 172 0.88 6.54 -9.04
N VAL A 173 1.59 5.46 -9.36
CA VAL A 173 1.55 4.22 -8.53
C VAL A 173 2.62 4.20 -7.44
N GLY A 174 3.50 5.21 -7.34
CA GLY A 174 4.56 5.30 -6.32
C GLY A 174 5.87 4.61 -6.69
N LEU A 175 5.98 4.02 -7.87
CA LEU A 175 7.27 3.47 -8.33
C LEU A 175 8.30 4.60 -8.53
N ALA A 176 7.87 5.75 -9.03
CA ALA A 176 8.71 6.96 -9.09
C ALA A 176 8.24 7.95 -8.04
N ASP A 177 9.15 8.58 -7.32
CA ASP A 177 8.79 9.63 -6.34
C ASP A 177 8.57 10.96 -7.05
N LEU A 178 9.34 11.19 -8.11
CA LEU A 178 9.32 12.49 -8.85
C LEU A 178 9.34 12.15 -10.33
N ALA A 179 8.63 12.96 -11.13
CA ALA A 179 8.60 12.79 -12.58
C ALA A 179 8.69 14.18 -13.21
N GLY A 180 9.35 14.23 -14.34
CA GLY A 180 9.52 15.50 -15.07
C GLY A 180 10.11 15.22 -16.44
N PRO A 181 10.42 16.30 -17.19
CA PRO A 181 10.99 16.15 -18.52
C PRO A 181 12.21 15.21 -18.52
N ARG A 182 13.17 15.49 -17.64
CA ARG A 182 14.42 14.69 -17.54
C ARG A 182 14.73 14.42 -16.09
N ALA A 183 14.96 13.16 -15.75
CA ALA A 183 15.25 12.77 -14.36
C ALA A 183 16.50 13.49 -13.88
N GLU A 184 17.50 13.61 -14.75
CA GLU A 184 18.78 14.26 -14.38
C GLU A 184 18.50 15.67 -13.86
N ASP A 185 17.53 16.39 -14.40
CA ASP A 185 17.27 17.81 -14.01
C ASP A 185 16.38 17.89 -12.76
N LEU A 186 15.82 16.77 -12.30
CA LEU A 186 15.09 16.77 -11.01
C LEU A 186 16.11 16.59 -9.88
N LEU A 187 17.33 16.19 -10.22
CA LEU A 187 18.34 15.89 -9.17
C LEU A 187 18.80 17.15 -8.43
N PRO A 188 19.23 18.25 -9.09
CA PRO A 188 19.71 19.41 -8.36
C PRO A 188 18.70 19.88 -7.28
N PRO A 189 17.39 20.08 -7.55
CA PRO A 189 16.48 20.46 -6.46
C PRO A 189 16.40 19.41 -5.34
N VAL A 190 16.47 18.12 -5.69
CA VAL A 190 16.50 17.03 -4.67
C VAL A 190 17.75 17.20 -3.81
N LEU A 191 18.90 17.42 -4.44
CA LEU A 191 20.17 17.60 -3.68
C LEU A 191 20.06 18.85 -2.78
N ALA A 192 19.51 19.96 -3.29
CA ALA A 192 19.35 21.18 -2.48
C ALA A 192 18.49 20.86 -1.25
N GLY A 193 17.40 20.10 -1.42
CA GLY A 193 16.54 19.68 -0.30
C GLY A 193 17.31 18.81 0.68
N LEU A 194 18.04 17.81 0.19
CA LEU A 194 18.82 16.90 1.07
C LEU A 194 19.90 17.67 1.82
N GLY A 195 20.43 18.76 1.27
CA GLY A 195 21.42 19.62 1.95
C GLY A 195 20.88 20.29 3.20
N ARG A 196 19.56 20.32 3.39
CA ARG A 196 18.92 20.92 4.58
C ARG A 196 18.92 19.93 5.74
N THR A 197 19.22 18.67 5.48
CA THR A 197 19.36 17.69 6.59
C THR A 197 20.79 17.17 6.59
N ASP A 198 21.02 16.02 7.21
CA ASP A 198 22.39 15.48 7.29
C ASP A 198 22.40 13.95 7.19
N ARG A 199 23.60 13.40 7.10
CA ARG A 199 23.74 11.94 6.93
C ARG A 199 23.23 11.21 8.18
N SER A 200 23.50 11.77 9.37
N SER A 200 23.47 11.74 9.39
CA SER A 200 23.01 11.23 10.66
CA SER A 200 22.99 11.10 10.64
C SER A 200 21.49 11.01 10.57
C SER A 200 21.46 10.98 10.59
N THR A 201 20.79 12.07 10.23
CA THR A 201 19.30 12.06 10.19
C THR A 201 18.80 11.09 9.12
N THR A 202 19.34 11.14 7.91
CA THR A 202 18.95 10.23 6.80
C THR A 202 19.11 8.78 7.24
N ALA A 203 20.26 8.45 7.82
CA ALA A 203 20.55 7.06 8.23
C ALA A 203 19.56 6.62 9.32
N ALA A 204 19.22 7.47 10.29
CA ALA A 204 18.28 7.13 11.37
C ALA A 204 16.86 6.93 10.79
N LEU A 205 16.49 7.75 9.82
CA LEU A 205 15.18 7.60 9.13
C LEU A 205 15.12 6.24 8.42
N LYS A 206 16.18 5.86 7.71
CA LYS A 206 16.18 4.58 6.94
C LYS A 206 16.16 3.39 7.92
N GLU A 207 16.87 3.52 9.04
CA GLU A 207 16.87 2.46 10.09
C GLU A 207 15.44 2.33 10.61
N TYR A 208 14.77 3.44 10.83
CA TYR A 208 13.39 3.39 11.37
C TYR A 208 12.42 2.80 10.34
N ARG A 209 12.63 3.02 9.05
CA ARG A 209 11.80 2.35 8.03
C ARG A 209 11.94 0.82 8.19
N ALA A 210 13.14 0.32 8.46
CA ALA A 210 13.40 -1.12 8.64
C ALA A 210 12.72 -1.62 9.93
N ARG A 211 12.65 -0.79 10.95
CA ARG A 211 11.96 -1.10 12.22
C ARG A 211 10.44 -1.21 11.99
N LEU A 212 9.86 -0.30 11.20
N LEU A 212 9.87 -0.32 11.18
CA LEU A 212 8.39 -0.21 10.97
CA LEU A 212 8.39 -0.23 11.00
C LEU A 212 7.94 -1.23 9.91
C LEU A 212 7.91 -1.16 9.88
N PHE A 213 8.73 -1.38 8.84
CA PHE A 213 8.37 -2.20 7.65
C PHE A 213 9.50 -3.18 7.34
N PRO A 214 9.74 -4.13 8.26
CA PRO A 214 10.84 -5.08 8.11
C PRO A 214 10.59 -6.13 7.01
N ARG A 215 11.68 -6.66 6.47
CA ARG A 215 11.71 -7.91 5.67
C ARG A 215 12.20 -9.03 6.61
N ASP A 216 11.52 -10.18 6.62
CA ASP A 216 11.94 -11.25 7.56
C ASP A 216 13.34 -11.74 7.15
N ALA A 217 14.02 -12.43 8.07
CA ALA A 217 15.44 -12.81 7.92
C ALA A 217 15.65 -13.85 6.81
N ARG A 218 14.62 -14.62 6.46
CA ARG A 218 14.73 -15.70 5.45
C ARG A 218 14.32 -15.24 4.05
N LEU A 219 13.81 -14.02 3.89
CA LEU A 219 13.20 -13.63 2.59
C LEU A 219 14.25 -13.61 1.49
N GLY A 220 15.45 -13.07 1.74
CA GLY A 220 16.45 -12.99 0.67
C GLY A 220 16.83 -14.37 0.15
N HIS A 221 17.00 -15.32 1.05
CA HIS A 221 17.30 -16.71 0.67
C HIS A 221 16.13 -17.30 -0.09
N ASP A 222 14.90 -17.15 0.42
CA ASP A 222 13.72 -17.72 -0.26
C ASP A 222 13.54 -17.11 -1.66
N ALA A 223 13.76 -15.81 -1.79
CA ALA A 223 13.57 -15.11 -3.07
C ALA A 223 14.66 -15.58 -4.03
N SER A 224 15.91 -15.64 -3.56
CA SER A 224 17.05 -16.11 -4.39
C SER A 224 16.75 -17.53 -4.87
N ARG A 225 16.30 -18.39 -3.96
CA ARG A 225 16.04 -19.80 -4.30
C ARG A 225 14.94 -19.89 -5.36
N LEU A 226 13.87 -19.11 -5.25
CA LEU A 226 12.75 -19.19 -6.22
C LEU A 226 13.25 -18.87 -7.63
N LEU A 227 14.11 -17.85 -7.80
CA LEU A 227 14.63 -17.51 -9.15
C LEU A 227 15.42 -18.71 -9.69
N ILE A 228 16.27 -19.34 -8.88
CA ILE A 228 17.08 -20.52 -9.31
C ILE A 228 16.15 -21.68 -9.68
N GLU A 229 15.14 -21.96 -8.86
CA GLU A 229 14.12 -23.01 -9.16
C GLU A 229 13.42 -22.73 -10.51
N ARG A 230 13.01 -21.49 -10.76
CA ARG A 230 12.26 -21.14 -11.99
C ARG A 230 13.18 -21.33 -13.21
N PHE A 231 14.46 -20.98 -13.13
CA PHE A 231 15.37 -21.12 -14.28
C PHE A 231 15.52 -22.60 -14.62
N ALA A 232 15.29 -23.48 -13.65
CA ALA A 232 15.41 -24.96 -13.82
C ALA A 232 14.07 -25.60 -14.23
N ALA A 233 12.95 -24.88 -14.25
CA ALA A 233 11.63 -25.44 -14.65
C ALA A 233 11.69 -25.88 -16.12
N PRO A 234 11.07 -27.03 -16.49
CA PRO A 234 11.24 -27.57 -17.84
C PRO A 234 10.67 -26.58 -18.88
N GLY A 235 9.56 -25.94 -18.52
CA GLY A 235 8.87 -24.93 -19.35
C GLY A 235 9.71 -23.70 -19.66
N THR A 236 10.70 -23.36 -18.82
CA THR A 236 11.46 -22.07 -18.90
C THR A 236 12.22 -21.99 -20.23
N GLY A 237 12.91 -23.05 -20.64
CA GLY A 237 13.69 -23.01 -21.88
C GLY A 237 12.79 -22.84 -23.08
N GLN A 238 11.59 -23.41 -23.03
CA GLN A 238 10.66 -23.37 -24.18
C GLN A 238 10.10 -21.95 -24.33
N LEU A 239 9.87 -21.23 -23.22
CA LEU A 239 9.31 -19.84 -23.25
C LEU A 239 10.41 -18.87 -23.70
N LEU A 240 11.64 -19.05 -23.22
CA LEU A 240 12.83 -18.30 -23.72
C LEU A 240 12.95 -18.46 -25.24
N ALA A 241 12.71 -19.68 -25.75
CA ALA A 241 12.75 -20.03 -27.20
C ALA A 241 11.70 -19.23 -27.95
N ARG A 242 10.49 -19.15 -27.36
CA ARG A 242 9.34 -18.36 -27.87
C ARG A 242 9.78 -16.89 -28.02
N LEU A 243 10.25 -16.25 -26.93
CA LEU A 243 10.74 -14.84 -26.94
C LEU A 243 11.73 -14.64 -28.09
N GLY B 1 -35.30 -23.79 -9.97
CA GLY B 1 -35.18 -23.12 -11.30
C GLY B 1 -33.75 -23.20 -11.83
N PRO B 2 -33.21 -22.08 -12.35
CA PRO B 2 -31.83 -22.05 -12.86
C PRO B 2 -30.79 -22.23 -11.74
N GLY B 3 -29.77 -23.07 -11.97
CA GLY B 3 -28.61 -23.24 -11.09
C GLY B 3 -27.95 -21.90 -10.83
N SER B 4 -27.30 -21.71 -9.69
CA SER B 4 -26.70 -20.40 -9.30
C SER B 4 -25.63 -19.99 -10.31
N VAL B 5 -24.92 -20.98 -10.88
CA VAL B 5 -23.68 -20.77 -11.68
C VAL B 5 -23.84 -21.54 -13.00
N ARG B 6 -23.55 -20.89 -14.11
CA ARG B 6 -23.45 -21.57 -15.41
C ARG B 6 -21.97 -21.64 -15.78
N VAL B 7 -21.52 -22.83 -16.14
CA VAL B 7 -20.09 -23.05 -16.49
C VAL B 7 -19.91 -23.11 -18.01
N VAL B 8 -18.94 -22.36 -18.52
CA VAL B 8 -18.61 -22.38 -19.97
C VAL B 8 -17.10 -22.67 -20.11
N ARG B 9 -16.74 -23.71 -20.87
CA ARG B 9 -15.33 -24.07 -21.13
C ARG B 9 -14.87 -23.30 -22.37
N GLY B 10 -13.65 -22.76 -22.32
CA GLY B 10 -12.96 -22.13 -23.47
C GLY B 10 -11.54 -22.65 -23.61
N ARG B 11 -10.75 -22.06 -24.51
CA ARG B 11 -9.34 -22.46 -24.78
C ARG B 11 -8.49 -22.09 -23.57
N GLY B 12 -8.09 -23.06 -22.74
CA GLY B 12 -7.26 -22.81 -21.55
C GLY B 12 -8.00 -22.02 -20.47
N LEU B 13 -9.32 -22.02 -20.52
CA LEU B 13 -10.07 -21.23 -19.53
C LEU B 13 -11.39 -21.85 -19.15
N LEU B 14 -11.83 -21.55 -17.93
CA LEU B 14 -13.18 -21.95 -17.51
C LEU B 14 -13.86 -20.68 -17.02
N ARG B 15 -15.06 -20.43 -17.51
CA ARG B 15 -15.88 -19.30 -17.04
C ARG B 15 -17.01 -19.79 -16.15
N ALA B 16 -17.13 -19.15 -14.98
CA ALA B 16 -18.26 -19.35 -14.06
C ALA B 16 -19.11 -18.09 -14.12
N VAL B 17 -20.35 -18.25 -14.57
CA VAL B 17 -21.28 -17.09 -14.72
CA VAL B 17 -21.31 -17.12 -14.76
C VAL B 17 -22.34 -17.17 -13.62
N LEU B 18 -22.40 -16.14 -12.79
CA LEU B 18 -23.49 -16.02 -11.78
CA LEU B 18 -23.50 -16.04 -11.78
C LEU B 18 -24.79 -15.75 -12.55
N ASP B 19 -25.77 -16.66 -12.43
CA ASP B 19 -26.88 -16.78 -13.42
C ASP B 19 -28.27 -16.68 -12.76
N ARG B 20 -28.42 -15.87 -11.71
CA ARG B 20 -29.71 -15.55 -11.04
C ARG B 20 -29.92 -14.04 -10.94
N PRO B 21 -29.97 -13.35 -12.10
CA PRO B 21 -30.08 -11.90 -12.14
C PRO B 21 -31.38 -11.37 -11.49
N GLU B 22 -32.43 -12.18 -11.52
CA GLU B 22 -33.76 -11.77 -10.98
C GLU B 22 -33.71 -11.69 -9.45
N ARG B 23 -32.79 -12.42 -8.83
CA ARG B 23 -32.62 -12.34 -7.36
C ARG B 23 -31.45 -11.41 -7.00
N ARG B 24 -30.83 -10.76 -7.99
CA ARG B 24 -29.61 -9.93 -7.84
C ARG B 24 -28.40 -10.80 -7.46
N ASN B 25 -28.33 -12.05 -7.93
CA ASN B 25 -27.10 -12.89 -7.78
C ASN B 25 -26.60 -12.83 -6.34
N PRO B 26 -27.43 -13.19 -5.34
CA PRO B 26 -27.01 -13.15 -3.95
C PRO B 26 -26.13 -14.37 -3.60
N ILE B 27 -25.46 -14.30 -2.47
CA ILE B 27 -24.60 -15.42 -2.00
C ILE B 27 -25.42 -16.30 -1.06
N ASP B 28 -25.71 -17.51 -1.49
CA ASP B 28 -26.28 -18.55 -0.62
C ASP B 28 -25.30 -19.74 -0.61
N ALA B 29 -25.62 -20.75 0.18
CA ALA B 29 -24.75 -21.95 0.31
C ALA B 29 -24.59 -22.56 -1.09
N GLY B 30 -25.65 -22.57 -1.91
CA GLY B 30 -25.68 -23.05 -3.29
C GLY B 30 -24.66 -22.36 -4.19
N LEU B 31 -24.61 -21.04 -4.17
CA LEU B 31 -23.63 -20.27 -4.97
CA LEU B 31 -23.63 -20.27 -4.97
C LEU B 31 -22.22 -20.68 -4.53
N LEU B 32 -21.98 -20.75 -3.23
CA LEU B 32 -20.59 -20.98 -2.76
C LEU B 32 -20.17 -22.40 -3.17
N THR B 33 -21.08 -23.37 -3.01
N THR B 33 -21.05 -23.40 -3.05
CA THR B 33 -20.85 -24.79 -3.40
CA THR B 33 -20.71 -24.80 -3.42
C THR B 33 -20.55 -24.86 -4.91
C THR B 33 -20.53 -24.89 -4.95
N SER B 34 -21.38 -24.22 -5.75
CA SER B 34 -21.25 -24.22 -7.23
C SER B 34 -19.94 -23.54 -7.67
N LEU B 35 -19.57 -22.40 -7.09
CA LEU B 35 -18.30 -21.72 -7.46
C LEU B 35 -17.08 -22.56 -7.05
N ALA B 36 -17.13 -23.18 -5.89
CA ALA B 36 -16.02 -24.07 -5.46
C ALA B 36 -15.89 -25.23 -6.45
N ARG B 37 -17.01 -25.84 -6.83
N ARG B 37 -17.01 -25.83 -6.84
CA ARG B 37 -16.97 -26.99 -7.77
CA ARG B 37 -16.97 -27.00 -7.77
C ARG B 37 -16.39 -26.52 -9.11
C ARG B 37 -16.43 -26.55 -9.12
N ALA B 38 -16.80 -25.34 -9.55
CA ALA B 38 -16.29 -24.81 -10.83
C ALA B 38 -14.76 -24.60 -10.76
N LEU B 39 -14.27 -24.05 -9.64
CA LEU B 39 -12.80 -23.85 -9.50
C LEU B 39 -12.12 -25.23 -9.43
N ASP B 40 -12.75 -26.19 -8.76
CA ASP B 40 -12.22 -27.58 -8.71
C ASP B 40 -12.09 -28.15 -10.13
N GLN B 41 -13.14 -27.98 -10.93
CA GLN B 41 -13.12 -28.51 -12.32
C GLN B 41 -12.00 -27.84 -13.09
N ALA B 42 -11.86 -26.54 -12.94
CA ALA B 42 -10.83 -25.77 -13.66
C ALA B 42 -9.44 -26.22 -13.21
N GLU B 43 -9.24 -26.37 -11.91
CA GLU B 43 -7.91 -26.74 -11.39
C GLU B 43 -7.58 -28.21 -11.75
N SER B 44 -8.61 -29.06 -11.86
CA SER B 44 -8.42 -30.51 -12.15
C SER B 44 -8.02 -30.72 -13.62
N ASP B 45 -8.24 -29.74 -14.49
CA ASP B 45 -7.84 -29.80 -15.91
C ASP B 45 -6.45 -29.21 -16.02
N GLN B 46 -5.43 -30.03 -16.24
CA GLN B 46 -4.03 -29.53 -16.23
C GLN B 46 -3.79 -28.57 -17.40
N ASP B 47 -4.65 -28.52 -18.41
CA ASP B 47 -4.51 -27.60 -19.56
C ASP B 47 -5.23 -26.26 -19.28
N CYS B 48 -5.96 -26.17 -18.17
CA CYS B 48 -6.69 -24.92 -17.82
C CYS B 48 -5.69 -23.95 -17.19
N ARG B 49 -5.72 -22.69 -17.59
CA ARG B 49 -4.79 -21.68 -17.07
C ARG B 49 -5.54 -20.53 -16.38
N VAL B 50 -6.80 -20.29 -16.76
CA VAL B 50 -7.53 -19.06 -16.33
C VAL B 50 -8.93 -19.41 -15.85
N PHE B 51 -9.34 -18.80 -14.74
CA PHE B 51 -10.70 -18.91 -14.18
C PHE B 51 -11.35 -17.54 -14.26
N VAL B 52 -12.41 -17.42 -15.02
CA VAL B 52 -13.13 -16.13 -15.23
C VAL B 52 -14.45 -16.18 -14.47
N LEU B 53 -14.66 -15.21 -13.60
CA LEU B 53 -15.90 -15.03 -12.83
C LEU B 53 -16.67 -13.88 -13.45
N SER B 54 -17.84 -14.14 -13.99
CA SER B 54 -18.66 -13.08 -14.60
C SER B 54 -20.11 -13.26 -14.16
N SER B 55 -20.98 -12.36 -14.58
CA SER B 55 -22.33 -12.31 -14.01
C SER B 55 -23.37 -11.82 -15.02
N THR B 56 -24.58 -11.55 -14.53
CA THR B 56 -25.79 -11.32 -15.34
C THR B 56 -26.60 -10.19 -14.73
N GLY B 57 -27.36 -9.47 -15.56
CA GLY B 57 -28.28 -8.43 -15.10
C GLY B 57 -27.59 -7.22 -14.50
N GLU B 58 -28.31 -6.53 -13.62
CA GLU B 58 -27.88 -5.24 -13.02
C GLU B 58 -26.89 -5.48 -11.88
N ASP B 59 -26.90 -6.67 -11.29
CA ASP B 59 -26.08 -6.97 -10.07
C ASP B 59 -25.03 -8.03 -10.40
N PHE B 60 -23.76 -7.69 -10.28
CA PHE B 60 -22.64 -8.66 -10.34
C PHE B 60 -22.86 -9.70 -9.24
N CYS B 61 -22.98 -9.20 -8.00
CA CYS B 61 -23.18 -10.08 -6.82
C CYS B 61 -23.66 -9.19 -5.67
N ALA B 62 -24.79 -9.55 -5.06
CA ALA B 62 -25.44 -8.70 -4.03
C ALA B 62 -25.08 -9.11 -2.60
N GLY B 63 -24.23 -10.11 -2.39
CA GLY B 63 -23.95 -10.51 -0.98
C GLY B 63 -25.05 -11.39 -0.41
N THR B 64 -25.04 -11.62 0.91
CA THR B 64 -25.68 -12.80 1.57
C THR B 64 -27.18 -12.84 1.26
N ASP B 65 -27.68 -13.98 0.80
CA ASP B 65 -29.13 -14.21 0.62
C ASP B 65 -29.74 -14.51 2.00
N LEU B 66 -30.48 -13.56 2.57
CA LEU B 66 -31.02 -13.69 3.95
C LEU B 66 -32.28 -14.54 3.94
N SER B 67 -32.75 -14.96 2.76
CA SER B 67 -33.84 -15.93 2.62
C SER B 67 -33.20 -17.33 2.70
N PRO B 75 -23.30 -22.51 15.83
CA PRO B 75 -22.06 -22.09 16.50
C PRO B 75 -20.82 -22.51 15.70
N LEU B 76 -19.75 -21.70 15.79
CA LEU B 76 -18.49 -21.89 15.02
C LEU B 76 -17.43 -22.47 15.95
N PRO B 77 -16.92 -23.69 15.69
CA PRO B 77 -15.84 -24.26 16.48
C PRO B 77 -14.58 -23.41 16.47
N ASP B 78 -13.91 -23.33 17.62
CA ASP B 78 -12.55 -22.73 17.75
C ASP B 78 -11.72 -23.25 16.56
N GLY B 79 -11.10 -22.33 15.81
CA GLY B 79 -10.21 -22.65 14.68
C GLY B 79 -10.91 -22.91 13.35
N ALA B 80 -12.24 -22.96 13.27
CA ALA B 80 -12.97 -23.21 12.00
C ALA B 80 -13.18 -21.90 11.24
N GLU B 81 -13.32 -21.98 9.92
CA GLU B 81 -13.59 -20.78 9.06
C GLU B 81 -14.83 -21.07 8.21
N LEU B 82 -15.54 -20.04 7.82
CA LEU B 82 -16.78 -20.21 7.02
C LEU B 82 -16.38 -20.40 5.57
N PRO B 83 -17.28 -21.04 4.78
CA PRO B 83 -17.03 -21.31 3.35
C PRO B 83 -16.73 -20.08 2.50
N TYR B 84 -17.39 -18.95 2.80
CA TYR B 84 -17.11 -17.70 2.05
C TYR B 84 -15.62 -17.35 2.19
N TRP B 85 -15.09 -17.38 3.39
CA TRP B 85 -13.65 -17.06 3.63
C TRP B 85 -12.80 -18.03 2.79
N THR B 86 -13.09 -19.32 2.89
N THR B 86 -13.10 -19.32 2.88
CA THR B 86 -12.31 -20.37 2.19
CA THR B 86 -12.31 -20.38 2.19
C THR B 86 -12.30 -20.08 0.69
C THR B 86 -12.30 -20.09 0.69
N LEU B 87 -13.44 -19.70 0.11
CA LEU B 87 -13.53 -19.45 -1.34
C LEU B 87 -12.68 -18.23 -1.70
N LEU B 88 -12.78 -17.14 -0.93
CA LEU B 88 -11.97 -15.93 -1.23
C LEU B 88 -10.49 -16.32 -1.17
N GLU B 89 -10.04 -17.06 -0.16
CA GLU B 89 -8.61 -17.44 -0.06
C GLU B 89 -8.24 -18.27 -1.29
N ARG B 90 -9.11 -19.16 -1.73
CA ARG B 90 -8.80 -20.00 -2.91
C ARG B 90 -8.61 -19.14 -4.16
N LEU B 91 -9.41 -18.08 -4.35
CA LEU B 91 -9.23 -17.24 -5.54
C LEU B 91 -7.84 -16.60 -5.51
N THR B 92 -7.30 -16.31 -4.34
CA THR B 92 -5.97 -15.69 -4.22
C THR B 92 -4.85 -16.72 -4.32
N ARG B 93 -5.11 -18.03 -4.07
CA ARG B 93 -4.03 -19.05 -3.94
C ARG B 93 -4.06 -20.03 -5.10
N SER B 94 -5.09 -19.97 -5.94
N SER B 94 -5.10 -20.01 -5.93
CA SER B 94 -5.28 -20.87 -7.11
CA SER B 94 -5.27 -20.97 -7.05
C SER B 94 -4.01 -20.86 -7.97
C SER B 94 -4.12 -20.86 -8.03
N PRO B 95 -3.62 -21.98 -8.60
CA PRO B 95 -2.60 -21.91 -9.65
C PRO B 95 -3.13 -21.21 -10.92
N LEU B 96 -4.45 -21.12 -11.05
CA LEU B 96 -5.11 -20.40 -12.17
C LEU B 96 -5.06 -18.87 -11.93
N ALA B 97 -4.90 -18.10 -13.00
CA ALA B 97 -5.15 -16.65 -12.95
C ALA B 97 -6.66 -16.49 -12.78
N THR B 98 -7.11 -15.76 -11.78
CA THR B 98 -8.56 -15.55 -11.50
C THR B 98 -8.91 -14.13 -11.93
N VAL B 99 -9.96 -14.01 -12.72
CA VAL B 99 -10.32 -12.72 -13.36
C VAL B 99 -11.80 -12.46 -13.11
N ALA B 100 -12.12 -11.34 -12.45
CA ALA B 100 -13.53 -10.93 -12.21
C ALA B 100 -13.91 -9.92 -13.29
N VAL B 101 -15.02 -10.17 -13.97
CA VAL B 101 -15.60 -9.28 -15.02
C VAL B 101 -16.83 -8.61 -14.41
N VAL B 102 -16.66 -7.36 -13.98
CA VAL B 102 -17.71 -6.64 -13.20
C VAL B 102 -18.39 -5.60 -14.11
N ASP B 103 -19.63 -5.87 -14.47
CA ASP B 103 -20.47 -5.02 -15.37
C ASP B 103 -21.79 -4.74 -14.67
N GLY B 104 -21.78 -4.66 -13.33
CA GLY B 104 -22.97 -4.42 -12.53
C GLY B 104 -22.61 -4.15 -11.09
N ARG B 105 -23.59 -4.06 -10.22
CA ARG B 105 -23.39 -3.72 -8.80
C ARG B 105 -22.82 -4.91 -8.01
N ALA B 106 -21.74 -4.65 -7.30
CA ALA B 106 -21.16 -5.59 -6.31
C ALA B 106 -21.44 -5.00 -4.95
N THR B 107 -22.21 -5.71 -4.12
CA THR B 107 -22.68 -5.18 -2.84
C THR B 107 -22.29 -6.14 -1.73
N ALA B 108 -21.79 -5.59 -0.62
CA ALA B 108 -21.53 -6.37 0.60
C ALA B 108 -20.57 -7.51 0.25
N GLY B 109 -20.92 -8.77 0.55
CA GLY B 109 -20.02 -9.89 0.22
C GLY B 109 -19.68 -9.99 -1.26
N GLY B 110 -20.47 -9.43 -2.17
CA GLY B 110 -20.14 -9.40 -3.61
C GLY B 110 -18.84 -8.65 -3.91
N VAL B 111 -18.51 -7.64 -3.11
CA VAL B 111 -17.26 -6.85 -3.25
C VAL B 111 -16.09 -7.77 -2.96
N GLY B 112 -16.15 -8.54 -1.88
CA GLY B 112 -15.05 -9.45 -1.50
C GLY B 112 -14.81 -10.49 -2.59
N LEU B 113 -15.88 -10.99 -3.17
CA LEU B 113 -15.82 -12.01 -4.23
C LEU B 113 -15.02 -11.51 -5.44
N ALA B 114 -15.31 -10.29 -5.90
CA ALA B 114 -14.55 -9.66 -6.99
C ALA B 114 -13.09 -9.39 -6.51
N ALA B 115 -12.94 -8.81 -5.33
CA ALA B 115 -11.64 -8.31 -4.84
C ALA B 115 -10.63 -9.45 -4.69
N ALA B 116 -11.08 -10.67 -4.37
CA ALA B 116 -10.21 -11.84 -4.13
C ALA B 116 -9.63 -12.34 -5.46
N CYS B 117 -10.18 -11.91 -6.60
CA CYS B 117 -9.61 -12.32 -7.90
C CYS B 117 -8.28 -11.60 -8.13
N ASP B 118 -7.43 -12.20 -8.95
CA ASP B 118 -6.10 -11.64 -9.25
C ASP B 118 -6.24 -10.35 -10.05
N LEU B 119 -7.20 -10.33 -10.98
CA LEU B 119 -7.49 -9.14 -11.81
C LEU B 119 -8.99 -8.86 -11.77
N VAL B 120 -9.31 -7.59 -11.54
CA VAL B 120 -10.69 -7.07 -11.56
C VAL B 120 -10.83 -6.13 -12.74
N LEU B 121 -11.75 -6.45 -13.64
CA LEU B 121 -12.11 -5.67 -14.85
C LEU B 121 -13.44 -5.01 -14.56
N ALA B 122 -13.56 -3.68 -14.69
CA ALA B 122 -14.78 -2.93 -14.32
C ALA B 122 -15.28 -2.14 -15.52
N GLY B 123 -16.55 -2.36 -15.88
CA GLY B 123 -17.27 -1.59 -16.91
C GLY B 123 -18.02 -0.39 -16.35
N GLU B 124 -18.69 0.37 -17.22
CA GLU B 124 -19.42 1.61 -16.85
C GLU B 124 -20.51 1.31 -15.81
N ARG B 125 -21.13 0.12 -15.83
CA ARG B 125 -22.22 -0.24 -14.87
C ARG B 125 -21.65 -0.79 -13.56
N ALA B 126 -20.33 -0.97 -13.42
CA ALA B 126 -19.76 -1.51 -12.16
C ALA B 126 -19.99 -0.51 -11.04
N ARG B 127 -20.33 -1.01 -9.86
CA ARG B 127 -20.41 -0.24 -8.60
C ARG B 127 -19.92 -1.20 -7.52
N PHE B 128 -19.21 -0.71 -6.52
CA PHE B 128 -18.74 -1.54 -5.40
C PHE B 128 -19.13 -0.82 -4.13
N ARG B 129 -19.79 -1.49 -3.19
CA ARG B 129 -20.17 -0.83 -1.92
C ARG B 129 -20.25 -1.88 -0.82
N LEU B 130 -19.50 -1.68 0.25
CA LEU B 130 -19.62 -2.52 1.47
C LEU B 130 -20.69 -1.88 2.34
N THR B 131 -21.84 -2.53 2.47
CA THR B 131 -23.01 -1.96 3.19
C THR B 131 -23.12 -2.54 4.61
N GLU B 132 -22.20 -3.39 5.03
CA GLU B 132 -22.32 -4.13 6.31
C GLU B 132 -22.52 -3.21 7.54
N VAL B 133 -21.83 -2.08 7.65
CA VAL B 133 -21.95 -1.29 8.93
C VAL B 133 -23.38 -0.77 9.09
N LEU B 134 -24.13 -0.63 7.98
N LEU B 134 -24.14 -0.60 7.98
CA LEU B 134 -25.55 -0.15 8.03
CA LEU B 134 -25.57 -0.18 8.05
C LEU B 134 -26.44 -1.22 8.68
C LEU B 134 -26.38 -1.22 8.84
N ALA B 135 -26.01 -2.48 8.75
CA ALA B 135 -26.71 -3.63 9.38
C ALA B 135 -26.05 -3.98 10.71
N GLY B 136 -25.11 -3.15 11.20
CA GLY B 136 -24.42 -3.41 12.49
C GLY B 136 -23.37 -4.50 12.39
N LEU B 137 -22.86 -4.76 11.18
CA LEU B 137 -21.87 -5.80 10.90
C LEU B 137 -20.53 -5.20 10.53
N VAL B 138 -19.45 -5.92 10.84
CA VAL B 138 -18.11 -5.68 10.28
C VAL B 138 -17.92 -6.69 9.15
N PRO B 139 -17.60 -6.25 7.93
CA PRO B 139 -17.37 -7.16 6.81
C PRO B 139 -15.97 -7.78 6.94
N ALA B 140 -15.77 -8.55 8.01
CA ALA B 140 -14.41 -9.00 8.40
C ALA B 140 -13.82 -9.99 7.38
N ALA B 142 -14.50 -10.15 4.00
CA ALA B 142 -14.19 -9.44 2.78
C ALA B 142 -13.01 -8.47 2.93
N LEU B 143 -12.96 -7.77 4.08
CA LEU B 143 -11.95 -6.69 4.29
C LEU B 143 -10.53 -7.07 3.85
N PRO B 144 -9.88 -8.19 4.27
CA PRO B 144 -8.48 -8.42 3.89
C PRO B 144 -8.31 -8.42 2.37
N PHE B 145 -9.32 -8.89 1.65
CA PHE B 145 -9.22 -8.99 0.17
C PHE B 145 -9.39 -7.61 -0.48
N VAL B 146 -10.11 -6.72 0.19
CA VAL B 146 -10.23 -5.32 -0.31
C VAL B 146 -8.97 -4.55 0.08
N ALA B 147 -8.50 -4.73 1.32
CA ALA B 147 -7.37 -3.95 1.85
C ALA B 147 -6.07 -4.35 1.13
N ARG B 148 -5.98 -5.58 0.63
CA ARG B 148 -4.76 -5.98 -0.11
C ARG B 148 -4.74 -5.28 -1.48
N ARG B 149 -5.87 -4.72 -1.91
CA ARG B 149 -5.94 -3.91 -3.17
C ARG B 149 -5.86 -2.42 -2.90
N THR B 150 -6.60 -1.92 -1.91
CA THR B 150 -6.82 -0.46 -1.72
C THR B 150 -5.84 0.12 -0.71
N GLY B 151 -5.24 -0.74 0.12
CA GLY B 151 -4.55 -0.33 1.34
C GLY B 151 -5.51 -0.22 2.50
N GLU B 152 -4.97 -0.29 3.71
CA GLU B 152 -5.79 -0.36 4.94
C GLU B 152 -6.67 0.88 5.10
N GLN B 153 -6.16 2.10 4.91
CA GLN B 153 -6.98 3.30 5.21
C GLN B 153 -8.20 3.35 4.29
N ARG B 154 -8.04 3.20 2.98
CA ARG B 154 -9.23 3.34 2.10
C ARG B 154 -10.24 2.20 2.37
N ALA B 155 -9.75 1.00 2.68
CA ALA B 155 -10.65 -0.16 2.92
C ALA B 155 -11.49 0.09 4.16
N PHE B 156 -10.86 0.54 5.24
CA PHE B 156 -11.56 0.74 6.53
C PHE B 156 -12.42 2.01 6.47
N ALA B 157 -11.95 3.08 5.83
CA ALA B 157 -12.77 4.31 5.69
C ALA B 157 -13.98 4.02 4.80
N ALA B 158 -13.80 3.27 3.72
CA ALA B 158 -14.91 2.94 2.81
C ALA B 158 -15.93 2.07 3.53
N THR B 159 -15.46 1.24 4.45
CA THR B 159 -16.37 0.39 5.25
C THR B 159 -17.15 1.28 6.21
N LEU B 160 -16.47 2.13 6.96
CA LEU B 160 -17.11 2.99 7.97
C LEU B 160 -18.15 3.91 7.32
N ARG B 161 -17.87 4.39 6.10
CA ARG B 161 -18.75 5.33 5.36
C ARG B 161 -19.75 4.63 4.43
N ALA B 162 -19.66 3.29 4.24
CA ALA B 162 -20.39 2.53 3.19
C ALA B 162 -20.26 3.26 1.85
N GLU B 163 -19.03 3.61 1.50
CA GLU B 163 -18.68 4.40 0.30
C GLU B 163 -19.00 3.59 -0.95
N GLU B 164 -19.61 4.22 -1.95
N GLU B 164 -19.67 4.20 -1.92
CA GLU B 164 -19.87 3.54 -3.25
CA GLU B 164 -19.87 3.59 -3.25
C GLU B 164 -18.88 4.01 -4.31
C GLU B 164 -18.70 4.02 -4.15
N PHE B 165 -18.17 3.07 -4.92
CA PHE B 165 -17.19 3.31 -6.01
C PHE B 165 -17.80 2.95 -7.34
N ASP B 166 -17.72 3.84 -8.32
CA ASP B 166 -18.01 3.49 -9.73
C ASP B 166 -16.71 2.94 -10.33
N ALA B 167 -16.72 2.63 -11.62
CA ALA B 167 -15.57 1.95 -12.26
C ALA B 167 -14.31 2.83 -12.14
N GLY B 168 -14.42 4.12 -12.47
CA GLY B 168 -13.26 5.01 -12.39
C GLY B 168 -12.72 5.12 -10.99
N ALA B 169 -13.58 5.31 -9.99
CA ALA B 169 -13.18 5.41 -8.57
C ALA B 169 -12.51 4.09 -8.14
N ALA B 170 -13.09 2.95 -8.48
CA ALA B 170 -12.52 1.61 -8.15
C ALA B 170 -11.11 1.49 -8.77
N HIS B 171 -10.92 1.95 -10.01
CA HIS B 171 -9.63 1.86 -10.72
C HIS B 171 -8.60 2.75 -9.99
N ARG B 172 -9.00 3.97 -9.60
N ARG B 172 -9.02 3.98 -9.66
CA ARG B 172 -8.04 4.93 -9.02
CA ARG B 172 -8.13 4.97 -8.98
C ARG B 172 -7.59 4.47 -7.61
C ARG B 172 -7.56 4.36 -7.69
N VAL B 173 -8.41 3.72 -6.88
CA VAL B 173 -8.05 3.21 -5.52
C VAL B 173 -7.44 1.80 -5.57
N GLY B 174 -7.40 1.14 -6.75
CA GLY B 174 -6.81 -0.21 -6.87
C GLY B 174 -7.80 -1.34 -6.72
N LEU B 175 -9.06 -1.07 -6.41
CA LEU B 175 -10.08 -2.14 -6.29
C LEU B 175 -10.30 -2.80 -7.67
N ALA B 176 -10.28 -2.03 -8.75
CA ALA B 176 -10.24 -2.55 -10.13
C ALA B 176 -8.84 -2.35 -10.73
N ASP B 177 -8.35 -3.36 -11.45
CA ASP B 177 -7.04 -3.28 -12.16
C ASP B 177 -7.23 -2.58 -13.51
N LEU B 178 -8.37 -2.83 -14.15
CA LEU B 178 -8.66 -2.26 -15.49
C LEU B 178 -10.09 -1.75 -15.49
N ALA B 179 -10.34 -0.70 -16.24
CA ALA B 179 -11.67 -0.10 -16.37
C ALA B 179 -11.88 0.42 -17.79
N GLY B 180 -13.10 0.32 -18.24
CA GLY B 180 -13.51 0.76 -19.58
C GLY B 180 -15.02 0.77 -19.69
N PRO B 181 -15.54 1.06 -20.89
CA PRO B 181 -16.98 1.03 -21.12
C PRO B 181 -17.64 -0.30 -20.72
N ARG B 182 -17.03 -1.44 -21.08
CA ARG B 182 -17.61 -2.75 -20.72
CA ARG B 182 -17.60 -2.79 -20.83
C ARG B 182 -16.47 -3.71 -20.34
N ALA B 183 -16.63 -4.29 -19.14
CA ALA B 183 -15.60 -5.18 -18.56
C ALA B 183 -15.39 -6.36 -19.51
N GLU B 184 -16.45 -6.88 -20.09
CA GLU B 184 -16.35 -8.08 -20.95
C GLU B 184 -15.44 -7.76 -22.14
N ASP B 185 -15.42 -6.51 -22.62
CA ASP B 185 -14.59 -6.13 -23.79
C ASP B 185 -13.11 -5.95 -23.38
N LEU B 186 -12.82 -5.82 -22.07
CA LEU B 186 -11.42 -5.77 -21.53
C LEU B 186 -10.82 -7.18 -21.47
N LEU B 187 -11.64 -8.21 -21.52
CA LEU B 187 -11.20 -9.60 -21.20
C LEU B 187 -10.35 -10.18 -22.34
N PRO B 188 -10.67 -10.03 -23.64
CA PRO B 188 -9.83 -10.67 -24.67
C PRO B 188 -8.37 -10.24 -24.67
N PRO B 189 -8.00 -8.94 -24.54
CA PRO B 189 -6.60 -8.57 -24.37
C PRO B 189 -5.94 -9.11 -23.09
N VAL B 190 -6.69 -9.24 -22.00
CA VAL B 190 -6.16 -9.86 -20.75
C VAL B 190 -5.85 -11.34 -21.02
N LEU B 191 -6.75 -12.06 -21.67
CA LEU B 191 -6.53 -13.50 -21.98
C LEU B 191 -5.36 -13.64 -22.96
N ALA B 192 -5.23 -12.73 -23.94
CA ALA B 192 -4.11 -12.79 -24.91
C ALA B 192 -2.79 -12.64 -24.14
N GLY B 193 -2.73 -11.70 -23.18
CA GLY B 193 -1.54 -11.48 -22.35
C GLY B 193 -1.21 -12.69 -21.48
N LEU B 194 -2.20 -13.29 -20.84
CA LEU B 194 -2.00 -14.45 -19.95
C LEU B 194 -1.53 -15.67 -20.76
N GLY B 195 -1.91 -15.74 -22.04
CA GLY B 195 -1.45 -16.82 -22.94
C GLY B 195 0.04 -16.77 -23.21
N ARG B 196 0.71 -15.67 -22.86
CA ARG B 196 2.18 -15.49 -23.05
CA ARG B 196 2.18 -15.53 -23.08
C ARG B 196 2.95 -16.15 -21.90
N THR B 197 2.29 -16.48 -20.80
CA THR B 197 2.94 -17.22 -19.69
C THR B 197 2.28 -18.58 -19.54
N ASP B 198 2.51 -19.26 -18.43
CA ASP B 198 1.96 -20.61 -18.26
C ASP B 198 1.48 -20.77 -16.81
N ARG B 199 0.82 -21.89 -16.54
CA ARG B 199 0.23 -22.12 -15.22
C ARG B 199 1.31 -22.29 -14.16
N SER B 200 2.42 -22.96 -14.47
CA SER B 200 3.54 -23.16 -13.53
C SER B 200 4.00 -21.79 -12.99
N THR B 201 4.17 -20.86 -13.90
CA THR B 201 4.69 -19.50 -13.57
C THR B 201 3.64 -18.75 -12.74
N THR B 202 2.39 -18.73 -13.17
CA THR B 202 1.30 -18.03 -12.44
C THR B 202 1.18 -18.62 -11.02
N ALA B 203 1.22 -19.93 -10.88
CA ALA B 203 1.18 -20.59 -9.57
C ALA B 203 2.31 -20.13 -8.66
N ALA B 204 3.53 -20.10 -9.16
CA ALA B 204 4.74 -19.71 -8.39
C ALA B 204 4.58 -18.24 -7.99
N LEU B 205 4.06 -17.40 -8.89
CA LEU B 205 3.90 -15.95 -8.59
C LEU B 205 2.91 -15.79 -7.43
N LYS B 206 1.77 -16.49 -7.45
CA LYS B 206 0.73 -16.30 -6.41
C LYS B 206 1.21 -16.91 -5.09
N GLU B 207 1.96 -18.00 -5.15
CA GLU B 207 2.56 -18.59 -3.93
C GLU B 207 3.56 -17.57 -3.34
N TYR B 208 4.33 -16.90 -4.19
CA TYR B 208 5.30 -15.88 -3.69
C TYR B 208 4.57 -14.68 -3.08
N ARG B 209 3.41 -14.30 -3.63
CA ARG B 209 2.62 -13.19 -3.03
C ARG B 209 2.22 -13.57 -1.60
N ALA B 210 1.84 -14.82 -1.37
CA ALA B 210 1.50 -15.31 -0.02
C ALA B 210 2.72 -15.33 0.90
N ARG B 211 3.90 -15.64 0.35
CA ARG B 211 5.19 -15.62 1.10
C ARG B 211 5.53 -14.19 1.56
N LEU B 212 5.29 -13.18 0.70
CA LEU B 212 5.69 -11.78 0.97
C LEU B 212 4.61 -11.05 1.78
N PHE B 213 3.33 -11.35 1.53
CA PHE B 213 2.16 -10.66 2.12
C PHE B 213 1.20 -11.69 2.68
N PRO B 214 1.62 -12.39 3.74
CA PRO B 214 0.83 -13.47 4.31
C PRO B 214 -0.41 -12.98 5.08
N ARG B 215 -1.39 -13.88 5.21
CA ARG B 215 -2.53 -13.65 6.13
C ARG B 215 -2.24 -14.64 7.27
N ASP B 216 -2.34 -14.24 8.52
CA ASP B 216 -1.95 -15.16 9.64
C ASP B 216 -2.87 -16.37 9.71
N ALA B 217 -2.41 -17.42 10.38
CA ALA B 217 -3.16 -18.70 10.43
C ALA B 217 -4.50 -18.53 11.16
N ARG B 218 -4.59 -17.61 12.09
CA ARG B 218 -5.84 -17.46 12.89
C ARG B 218 -6.83 -16.48 12.23
N LEU B 219 -6.47 -15.82 11.14
CA LEU B 219 -7.33 -14.71 10.62
C LEU B 219 -8.66 -15.26 10.10
N GLY B 220 -8.66 -16.35 9.34
CA GLY B 220 -9.92 -16.89 8.76
C GLY B 220 -10.90 -17.20 9.87
N HIS B 221 -10.43 -17.79 10.96
CA HIS B 221 -11.30 -18.10 12.13
C HIS B 221 -11.76 -16.79 12.76
N ASP B 222 -10.83 -15.87 13.03
CA ASP B 222 -11.14 -14.61 13.75
C ASP B 222 -12.16 -13.77 12.95
N ALA B 223 -12.00 -13.71 11.62
CA ALA B 223 -12.89 -12.94 10.72
C ALA B 223 -14.26 -13.62 10.68
N SER B 224 -14.31 -14.95 10.56
CA SER B 224 -15.57 -15.73 10.51
C SER B 224 -16.33 -15.52 11.82
N ARG B 225 -15.62 -15.58 12.94
CA ARG B 225 -16.23 -15.48 14.30
C ARG B 225 -16.82 -14.07 14.46
N LEU B 226 -16.14 -13.05 13.96
CA LEU B 226 -16.58 -11.64 14.17
C LEU B 226 -17.88 -11.43 13.38
N LEU B 227 -17.97 -12.01 12.17
CA LEU B 227 -19.19 -11.91 11.34
C LEU B 227 -20.35 -12.64 12.05
N ILE B 228 -20.14 -13.86 12.58
CA ILE B 228 -21.19 -14.61 13.35
C ILE B 228 -21.56 -13.88 14.64
N GLU B 229 -20.57 -13.49 15.45
CA GLU B 229 -20.80 -12.80 16.75
C GLU B 229 -21.78 -11.65 16.51
N ARG B 230 -21.69 -10.98 15.35
CA ARG B 230 -22.70 -9.97 14.95
C ARG B 230 -23.55 -10.58 13.82
N GLY C 1 -8.74 31.39 26.39
CA GLY C 1 -7.40 31.95 26.06
C GLY C 1 -6.28 30.98 26.43
N PRO C 2 -5.67 31.12 27.63
CA PRO C 2 -4.60 30.21 28.04
C PRO C 2 -5.01 28.73 27.89
N GLY C 3 -6.31 28.42 28.04
CA GLY C 3 -6.88 27.05 27.89
C GLY C 3 -6.58 26.49 26.51
N SER C 4 -5.83 25.40 26.42
CA SER C 4 -5.38 24.84 25.12
C SER C 4 -6.58 24.27 24.35
N VAL C 5 -7.55 23.67 25.05
CA VAL C 5 -8.70 22.96 24.43
C VAL C 5 -10.01 23.52 24.98
N ARG C 6 -10.95 23.82 24.09
CA ARG C 6 -12.37 24.10 24.45
C ARG C 6 -13.23 22.91 24.02
N VAL C 7 -14.00 22.37 24.97
CA VAL C 7 -14.91 21.20 24.74
C VAL C 7 -16.34 21.71 24.49
N VAL C 8 -16.92 21.35 23.35
CA VAL C 8 -18.33 21.65 22.99
C VAL C 8 -19.03 20.30 23.00
N ARG C 9 -20.07 20.12 23.81
CA ARG C 9 -20.88 18.88 23.76
C ARG C 9 -21.97 19.07 22.69
N GLY C 10 -22.32 17.97 22.02
CA GLY C 10 -23.30 17.92 20.91
C GLY C 10 -24.23 16.72 21.06
N ARG C 11 -25.02 16.46 20.02
CA ARG C 11 -25.98 15.33 19.92
C ARG C 11 -25.21 14.09 19.47
N GLY C 12 -24.88 13.21 20.41
CA GLY C 12 -24.11 11.99 20.09
C GLY C 12 -22.67 12.29 19.74
N LEU C 13 -22.17 13.47 20.12
CA LEU C 13 -20.79 13.84 19.75
C LEU C 13 -20.15 14.78 20.76
N LEU C 14 -18.83 14.72 20.84
CA LEU C 14 -18.08 15.68 21.67
C LEU C 14 -17.03 16.30 20.75
N ARG C 15 -16.94 17.62 20.76
CA ARG C 15 -15.93 18.36 19.97
C ARG C 15 -14.87 18.93 20.90
N ALA C 16 -13.60 18.67 20.57
CA ALA C 16 -12.42 19.26 21.21
C ALA C 16 -11.85 20.27 20.21
N VAL C 17 -11.81 21.54 20.59
CA VAL C 17 -11.33 22.64 19.71
C VAL C 17 -9.98 23.12 20.26
N LEU C 18 -8.93 23.02 19.46
CA LEU C 18 -7.63 23.65 19.79
C LEU C 18 -7.83 25.16 19.71
N ASP C 19 -7.69 25.85 20.84
CA ASP C 19 -8.29 27.20 21.02
C ASP C 19 -7.23 28.25 21.38
N ARG C 20 -6.03 28.15 20.80
CA ARG C 20 -4.93 29.14 20.97
C ARG C 20 -4.43 29.57 19.58
N PRO C 21 -5.29 30.25 18.79
CA PRO C 21 -4.96 30.58 17.40
C PRO C 21 -3.72 31.49 17.28
N GLU C 22 -3.53 32.42 18.21
CA GLU C 22 -2.40 33.38 18.13
C GLU C 22 -1.07 32.70 18.44
N ARG C 23 -1.07 31.61 19.23
CA ARG C 23 0.14 30.82 19.55
C ARG C 23 0.35 29.73 18.49
N ARG C 24 -0.56 29.66 17.51
CA ARG C 24 -0.56 28.66 16.41
C ARG C 24 -0.81 27.25 16.96
N ASN C 25 -1.54 27.11 18.07
CA ASN C 25 -2.04 25.80 18.55
C ASN C 25 -0.90 24.79 18.67
N PRO C 26 0.12 25.11 19.49
CA PRO C 26 1.28 24.23 19.63
C PRO C 26 0.95 23.04 20.53
N ILE C 27 1.70 21.95 20.35
CA ILE C 27 1.63 20.75 21.22
C ILE C 27 2.50 21.02 22.43
N ASP C 28 1.89 21.04 23.60
CA ASP C 28 2.62 21.09 24.89
C ASP C 28 1.97 20.05 25.78
N ALA C 29 2.53 19.79 26.97
CA ALA C 29 2.01 18.75 27.88
C ALA C 29 0.54 19.05 28.19
N GLY C 30 0.20 20.34 28.31
CA GLY C 30 -1.16 20.83 28.58
C GLY C 30 -2.15 20.43 27.50
N LEU C 31 -1.82 20.64 26.22
CA LEU C 31 -2.70 20.25 25.10
C LEU C 31 -2.95 18.73 25.19
N LEU C 32 -1.90 17.93 25.41
CA LEU C 32 -2.01 16.45 25.33
C LEU C 32 -2.88 15.96 26.49
N THR C 33 -2.70 16.51 27.67
CA THR C 33 -3.51 16.16 28.85
C THR C 33 -4.97 16.56 28.60
N SER C 34 -5.21 17.75 28.05
CA SER C 34 -6.59 18.26 27.81
C SER C 34 -7.29 17.40 26.76
N LEU C 35 -6.61 17.02 25.69
CA LEU C 35 -7.23 16.15 24.65
C LEU C 35 -7.55 14.77 25.22
N ALA C 36 -6.65 14.21 26.02
CA ALA C 36 -6.83 12.89 26.64
C ALA C 36 -8.04 12.97 27.58
N ARG C 37 -8.15 14.04 28.36
CA ARG C 37 -9.32 14.24 29.26
C ARG C 37 -10.61 14.40 28.46
N ALA C 38 -10.59 15.12 27.33
CA ALA C 38 -11.78 15.30 26.47
C ALA C 38 -12.20 13.94 25.87
N LEU C 39 -11.24 13.13 25.44
CA LEU C 39 -11.55 11.78 24.90
C LEU C 39 -12.12 10.91 26.04
N ASP C 40 -11.58 11.03 27.26
CA ASP C 40 -12.13 10.30 28.43
C ASP C 40 -13.59 10.70 28.66
N GLN C 41 -13.89 12.01 28.58
CA GLN C 41 -15.27 12.54 28.81
C GLN C 41 -16.23 11.97 27.76
N ALA C 42 -15.77 11.96 26.50
CA ALA C 42 -16.56 11.45 25.35
C ALA C 42 -16.80 9.94 25.55
N GLU C 43 -15.78 9.17 25.91
CA GLU C 43 -15.90 7.69 26.02
C GLU C 43 -16.80 7.32 27.21
N SER C 44 -16.76 8.11 28.28
CA SER C 44 -17.52 7.84 29.53
C SER C 44 -19.02 7.99 29.28
N ASP C 45 -19.44 8.84 28.32
CA ASP C 45 -20.86 9.02 27.94
C ASP C 45 -21.26 7.89 26.98
N GLN C 46 -22.10 6.94 27.42
CA GLN C 46 -22.44 5.76 26.59
C GLN C 46 -23.26 6.17 25.37
N ASP C 47 -23.89 7.34 25.36
CA ASP C 47 -24.63 7.86 24.18
C ASP C 47 -23.71 8.61 23.19
N CYS C 48 -22.44 8.84 23.53
CA CYS C 48 -21.53 9.56 22.61
C CYS C 48 -21.04 8.56 21.56
N ARG C 49 -21.04 8.96 20.29
CA ARG C 49 -20.65 8.07 19.16
CA ARG C 49 -20.62 8.05 19.18
C ARG C 49 -19.43 8.64 18.42
N VAL C 50 -19.24 9.95 18.47
CA VAL C 50 -18.24 10.65 17.62
C VAL C 50 -17.42 11.64 18.47
N PHE C 51 -16.09 11.64 18.24
CA PHE C 51 -15.14 12.62 18.78
C PHE C 51 -14.61 13.45 17.60
N VAL C 52 -14.83 14.76 17.65
CA VAL C 52 -14.42 15.70 16.59
C VAL C 52 -13.27 16.55 17.13
N LEU C 53 -12.15 16.54 16.43
CA LEU C 53 -11.00 17.41 16.71
C LEU C 53 -10.99 18.52 15.66
N SER C 54 -11.09 19.76 16.10
CA SER C 54 -11.02 20.93 15.18
C SER C 54 -10.17 22.01 15.85
N SER C 55 -9.98 23.12 15.16
CA SER C 55 -8.98 24.12 15.56
C SER C 55 -9.44 25.52 15.17
N THR C 56 -8.52 26.46 15.31
CA THR C 56 -8.76 27.91 15.23
C THR C 56 -7.56 28.56 14.53
N GLY C 57 -7.82 29.64 13.80
CA GLY C 57 -6.77 30.48 13.21
C GLY C 57 -6.15 29.82 11.99
N GLU C 58 -4.94 30.25 11.66
CA GLU C 58 -4.24 29.86 10.41
C GLU C 58 -3.63 28.46 10.58
N ASP C 59 -3.38 28.05 11.82
CA ASP C 59 -2.67 26.78 12.13
C ASP C 59 -3.63 25.83 12.83
N PHE C 60 -3.86 24.67 12.22
CA PHE C 60 -4.57 23.53 12.83
C PHE C 60 -3.79 23.15 14.10
N CYS C 61 -2.49 22.93 13.89
CA CYS C 61 -1.58 22.54 15.01
C CYS C 61 -0.13 22.63 14.51
N ALA C 62 0.68 23.48 15.13
CA ALA C 62 2.06 23.74 14.66
C ALA C 62 3.08 22.75 15.22
N GLY C 63 2.64 21.80 16.03
CA GLY C 63 3.54 20.81 16.66
C GLY C 63 4.26 21.43 17.85
N THR C 64 5.35 20.81 18.31
CA THR C 64 6.05 21.24 19.56
C THR C 64 7.03 22.36 19.23
N ASP C 65 7.13 23.42 20.03
CA ASP C 65 8.14 24.48 19.80
C ASP C 65 9.46 24.00 20.44
N LEU C 66 10.52 23.89 19.63
CA LEU C 66 11.79 23.19 19.97
C LEU C 66 12.78 24.17 20.61
N LEU C 76 14.89 7.84 28.47
CA LEU C 76 13.51 7.31 28.70
C LEU C 76 13.61 5.94 29.35
N PRO C 77 12.82 5.63 30.41
CA PRO C 77 12.86 4.32 31.04
C PRO C 77 12.46 3.22 30.04
N ASP C 78 12.99 2.00 30.22
CA ASP C 78 12.66 0.85 29.34
C ASP C 78 11.15 0.61 29.36
N GLY C 79 10.53 0.45 28.18
CA GLY C 79 9.10 0.09 28.03
C GLY C 79 8.16 1.30 28.06
N ALA C 80 8.62 2.47 28.49
CA ALA C 80 7.80 3.70 28.70
C ALA C 80 7.44 4.33 27.34
N GLU C 81 6.25 4.94 27.25
CA GLU C 81 5.80 5.67 26.03
C GLU C 81 5.51 7.12 26.40
N LEU C 82 5.85 8.05 25.52
CA LEU C 82 5.52 9.48 25.72
C LEU C 82 4.02 9.67 25.53
N PRO C 83 3.42 10.64 26.24
CA PRO C 83 2.00 10.98 26.12
C PRO C 83 1.48 11.20 24.68
N TYR C 84 2.30 11.76 23.80
CA TYR C 84 1.90 11.96 22.38
C TYR C 84 1.58 10.62 21.75
N TRP C 85 2.44 9.63 21.97
CA TRP C 85 2.24 8.26 21.42
C TRP C 85 0.91 7.71 21.97
N THR C 86 0.73 7.77 23.29
CA THR C 86 -0.47 7.23 23.96
C THR C 86 -1.75 7.89 23.39
N LEU C 87 -1.74 9.19 23.19
CA LEU C 87 -2.92 9.88 22.62
C LEU C 87 -3.20 9.42 21.18
N LEU C 88 -2.19 9.37 20.30
CA LEU C 88 -2.45 8.96 18.91
C LEU C 88 -2.99 7.52 18.91
N GLU C 89 -2.40 6.63 19.71
CA GLU C 89 -2.86 5.21 19.77
C GLU C 89 -4.33 5.21 20.21
N ARG C 90 -4.70 6.01 21.22
CA ARG C 90 -6.12 6.10 21.67
C ARG C 90 -7.04 6.56 20.54
N LEU C 91 -6.64 7.52 19.71
CA LEU C 91 -7.54 7.99 18.62
C LEU C 91 -7.81 6.84 17.64
N THR C 92 -6.89 5.90 17.48
CA THR C 92 -7.08 4.73 16.57
C THR C 92 -7.84 3.59 17.25
N ARG C 93 -7.91 3.55 18.57
CA ARG C 93 -8.47 2.37 19.29
C ARG C 93 -9.77 2.74 19.98
N SER C 94 -10.12 4.03 20.08
CA SER C 94 -11.36 4.49 20.76
C SER C 94 -12.57 3.82 20.14
N PRO C 95 -13.61 3.52 20.93
CA PRO C 95 -14.87 3.05 20.36
C PRO C 95 -15.61 4.15 19.62
N LEU C 96 -15.24 5.40 19.84
CA LEU C 96 -15.82 6.55 19.11
C LEU C 96 -15.19 6.64 17.72
N ALA C 97 -15.98 7.02 16.72
CA ALA C 97 -15.44 7.49 15.44
C ALA C 97 -14.71 8.82 15.71
N THR C 98 -13.44 8.90 15.33
CA THR C 98 -12.58 10.09 15.53
C THR C 98 -12.43 10.82 14.21
N VAL C 99 -12.74 12.11 14.23
CA VAL C 99 -12.81 12.93 13.00
C VAL C 99 -11.96 14.19 13.21
N ALA C 100 -10.99 14.39 12.34
CA ALA C 100 -10.16 15.62 12.34
C ALA C 100 -10.71 16.56 11.27
N VAL C 101 -10.96 17.81 11.65
CA VAL C 101 -11.39 18.88 10.74
C VAL C 101 -10.23 19.85 10.57
N VAL C 102 -9.59 19.79 9.40
CA VAL C 102 -8.32 20.52 9.18
C VAL C 102 -8.58 21.66 8.19
N ASP C 103 -8.61 22.88 8.69
CA ASP C 103 -8.85 24.11 7.89
C ASP C 103 -7.67 25.08 8.12
N GLY C 104 -6.48 24.53 8.33
CA GLY C 104 -5.25 25.31 8.55
C GLY C 104 -4.04 24.43 8.44
N ARG C 105 -2.88 24.99 8.77
CA ARG C 105 -1.57 24.31 8.65
C ARG C 105 -1.41 23.28 9.78
N ALA C 106 -1.10 22.03 9.42
CA ALA C 106 -0.68 21.01 10.37
C ALA C 106 0.81 20.81 10.12
N THR C 107 1.62 21.05 11.12
CA THR C 107 3.09 21.06 10.97
C THR C 107 3.67 20.08 12.00
N ALA C 108 4.64 19.26 11.59
CA ALA C 108 5.39 18.38 12.51
C ALA C 108 4.38 17.50 13.27
N GLY C 109 4.38 17.53 14.60
CA GLY C 109 3.50 16.64 15.38
C GLY C 109 2.01 16.91 15.11
N GLY C 110 1.65 18.07 14.59
CA GLY C 110 0.26 18.38 14.22
C GLY C 110 -0.24 17.48 13.11
N VAL C 111 0.65 17.02 12.24
CA VAL C 111 0.26 16.04 11.18
C VAL C 111 -0.19 14.71 11.82
N GLY C 112 0.60 14.16 12.74
CA GLY C 112 0.27 12.87 13.37
C GLY C 112 -1.05 12.95 14.12
N LEU C 113 -1.33 14.05 14.78
CA LEU C 113 -2.57 14.26 15.56
C LEU C 113 -3.79 14.13 14.63
N ALA C 114 -3.78 14.76 13.46
CA ALA C 114 -4.85 14.57 12.46
C ALA C 114 -4.83 13.13 11.95
N ALA C 115 -3.66 12.63 11.53
CA ALA C 115 -3.53 11.32 10.85
C ALA C 115 -4.06 10.16 11.70
N ALA C 116 -3.95 10.25 13.04
CA ALA C 116 -4.40 9.21 13.97
C ALA C 116 -5.93 9.14 14.01
N CYS C 117 -6.63 10.16 13.54
CA CYS C 117 -8.12 10.12 13.49
C CYS C 117 -8.62 9.13 12.42
N ASP C 118 -9.80 8.57 12.63
CA ASP C 118 -10.40 7.62 11.67
C ASP C 118 -10.68 8.32 10.33
N LEU C 119 -11.14 9.58 10.35
CA LEU C 119 -11.50 10.36 9.15
C LEU C 119 -10.83 11.72 9.27
N VAL C 120 -10.12 12.11 8.21
CA VAL C 120 -9.51 13.44 8.08
C VAL C 120 -10.27 14.18 6.99
N LEU C 121 -10.81 15.34 7.38
CA LEU C 121 -11.51 16.26 6.44
C LEU C 121 -10.58 17.46 6.25
N ALA C 122 -10.33 17.85 5.01
CA ALA C 122 -9.35 18.92 4.72
C ALA C 122 -10.02 19.98 3.84
N GLY C 123 -9.89 21.24 4.25
CA GLY C 123 -10.37 22.40 3.47
C GLY C 123 -9.26 23.06 2.67
N GLU C 124 -9.62 24.16 2.00
CA GLU C 124 -8.73 24.90 1.08
C GLU C 124 -7.45 25.36 1.79
N ARG C 125 -7.55 25.74 3.06
CA ARG C 125 -6.39 26.24 3.85
C ARG C 125 -5.59 25.10 4.51
N ALA C 126 -6.03 23.84 4.40
CA ALA C 126 -5.30 22.71 4.99
C ALA C 126 -3.91 22.61 4.34
N ARG C 127 -2.88 22.41 5.15
CA ARG C 127 -1.53 22.04 4.66
C ARG C 127 -0.99 21.03 5.66
N PHE C 128 -0.22 20.07 5.20
CA PHE C 128 0.40 19.03 6.04
C PHE C 128 1.88 18.99 5.68
N ARG C 129 2.74 19.12 6.67
CA ARG C 129 4.20 19.03 6.43
C ARG C 129 4.90 18.47 7.65
N LEU C 130 5.65 17.38 7.48
CA LEU C 130 6.59 16.90 8.53
C LEU C 130 7.93 17.61 8.34
N THR C 131 8.28 18.51 9.26
CA THR C 131 9.51 19.35 9.14
C THR C 131 10.66 18.75 9.96
N GLU C 132 10.45 17.62 10.64
CA GLU C 132 11.39 17.08 11.64
C GLU C 132 12.80 16.93 11.06
N VAL C 133 12.97 16.43 9.83
CA VAL C 133 14.37 16.16 9.36
C VAL C 133 15.16 17.46 9.25
N LEU C 134 14.49 18.60 9.08
CA LEU C 134 15.16 19.92 8.97
C LEU C 134 15.80 20.29 10.32
N ALA C 135 15.36 19.70 11.41
CA ALA C 135 15.92 19.90 12.77
C ALA C 135 16.78 18.71 13.21
N GLY C 136 17.05 17.76 12.32
CA GLY C 136 17.83 16.55 12.64
C GLY C 136 17.04 15.52 13.42
N LEU C 137 15.71 15.56 13.34
CA LEU C 137 14.83 14.60 14.04
C LEU C 137 14.20 13.61 13.07
N VAL C 138 13.84 12.44 13.57
CA VAL C 138 12.96 11.48 12.87
C VAL C 138 11.61 11.56 13.56
N PRO C 139 10.50 11.81 12.84
CA PRO C 139 9.17 11.92 13.44
C PRO C 139 8.62 10.51 13.74
N ALA C 140 9.28 9.81 14.65
CA ALA C 140 9.06 8.36 14.84
C ALA C 140 7.66 8.07 15.41
N ALA C 142 4.84 9.99 15.00
CA ALA C 142 3.80 10.30 14.01
C ALA C 142 3.82 9.32 12.84
N LEU C 143 4.99 8.82 12.47
CA LEU C 143 5.14 8.06 11.19
C LEU C 143 4.22 6.86 11.08
N PRO C 144 4.01 6.01 12.11
CA PRO C 144 3.10 4.88 11.96
C PRO C 144 1.66 5.31 11.62
N PHE C 145 1.22 6.47 12.14
CA PHE C 145 -0.16 6.97 11.91
C PHE C 145 -0.25 7.61 10.51
N VAL C 146 0.83 8.21 10.02
CA VAL C 146 0.89 8.72 8.63
C VAL C 146 0.97 7.53 7.67
N ALA C 147 1.87 6.57 7.93
CA ALA C 147 2.08 5.46 6.97
C ALA C 147 0.85 4.56 6.85
N ARG C 148 0.07 4.44 7.91
CA ARG C 148 -1.17 3.62 7.86
C ARG C 148 -2.18 4.24 6.89
N ARG C 149 -1.99 5.53 6.55
CA ARG C 149 -2.84 6.23 5.57
C ARG C 149 -2.18 6.29 4.18
N THR C 150 -0.89 6.64 4.09
CA THR C 150 -0.24 7.01 2.80
C THR C 150 0.49 5.81 2.23
N GLY C 151 0.73 4.80 3.03
CA GLY C 151 1.67 3.71 2.74
C GLY C 151 3.09 4.11 3.09
N GLU C 152 3.94 3.09 3.19
CA GLU C 152 5.32 3.30 3.69
C GLU C 152 6.12 4.24 2.78
N GLN C 153 6.11 4.06 1.45
CA GLN C 153 7.02 4.84 0.59
C GLN C 153 6.69 6.33 0.71
N ARG C 154 5.43 6.70 0.53
CA ARG C 154 5.11 8.14 0.51
C ARG C 154 5.35 8.74 1.90
N ALA C 155 5.09 8.02 2.99
CA ALA C 155 5.35 8.53 4.34
C ALA C 155 6.85 8.87 4.50
N PHE C 156 7.71 7.91 4.15
CA PHE C 156 9.17 8.03 4.39
C PHE C 156 9.73 9.06 3.42
N ALA C 157 9.29 9.07 2.17
CA ALA C 157 9.81 10.03 1.17
C ALA C 157 9.34 11.44 1.57
N ALA C 158 8.09 11.58 2.01
CA ALA C 158 7.58 12.90 2.44
C ALA C 158 8.37 13.41 3.66
N THR C 159 8.80 12.51 4.51
CA THR C 159 9.60 12.87 5.71
C THR C 159 11.01 13.30 5.25
N LEU C 160 11.63 12.52 4.37
CA LEU C 160 13.01 12.83 3.90
C LEU C 160 13.02 14.18 3.16
N ARG C 161 11.96 14.48 2.44
CA ARG C 161 11.88 15.71 1.59
C ARG C 161 11.16 16.84 2.32
N ALA C 162 10.65 16.63 3.53
CA ALA C 162 9.79 17.61 4.25
C ALA C 162 8.73 18.13 3.29
N GLU C 163 8.07 17.20 2.59
CA GLU C 163 7.07 17.53 1.55
C GLU C 163 5.86 18.21 2.18
N GLU C 164 5.38 19.26 1.54
CA GLU C 164 4.13 19.94 1.97
C GLU C 164 2.99 19.45 1.08
N PHE C 165 1.89 19.08 1.70
CA PHE C 165 0.64 18.64 1.03
C PHE C 165 -0.43 19.69 1.26
N ASP C 166 -1.08 20.14 0.18
CA ASP C 166 -2.35 20.90 0.30
C ASP C 166 -3.51 19.90 0.40
N ALA C 167 -4.76 20.36 0.43
CA ALA C 167 -5.91 19.47 0.66
C ALA C 167 -6.01 18.43 -0.47
N GLY C 168 -5.88 18.86 -1.73
CA GLY C 168 -5.96 17.95 -2.89
C GLY C 168 -4.86 16.89 -2.84
N ALA C 169 -3.61 17.29 -2.61
CA ALA C 169 -2.47 16.35 -2.54
C ALA C 169 -2.68 15.37 -1.37
N ALA C 170 -3.13 15.88 -0.21
CA ALA C 170 -3.41 15.03 0.97
C ALA C 170 -4.50 14.01 0.63
N HIS C 171 -5.54 14.43 -0.07
CA HIS C 171 -6.65 13.54 -0.47
C HIS C 171 -6.12 12.46 -1.41
N ARG C 172 -5.32 12.85 -2.40
CA ARG C 172 -4.79 11.88 -3.39
C ARG C 172 -3.91 10.82 -2.73
N VAL C 173 -3.15 11.17 -1.70
CA VAL C 173 -2.18 10.22 -1.07
C VAL C 173 -2.83 9.48 0.11
N GLY C 174 -4.08 9.81 0.48
CA GLY C 174 -4.76 9.11 1.58
C GLY C 174 -4.63 9.78 2.92
N LEU C 175 -3.83 10.83 3.04
CA LEU C 175 -3.67 11.54 4.31
C LEU C 175 -5.00 12.19 4.70
N ALA C 176 -5.77 12.66 3.71
CA ALA C 176 -7.14 13.15 3.97
C ALA C 176 -8.15 12.20 3.30
N ASP C 177 -9.24 11.90 3.99
CA ASP C 177 -10.32 11.04 3.43
C ASP C 177 -11.27 11.90 2.59
N LEU C 178 -11.50 13.13 3.02
CA LEU C 178 -12.39 14.05 2.28
C LEU C 178 -11.72 15.41 2.11
N ALA C 179 -11.97 16.06 0.97
CA ALA C 179 -11.43 17.41 0.75
C ALA C 179 -12.51 18.27 0.13
N GLY C 180 -12.47 19.54 0.45
CA GLY C 180 -13.45 20.50 -0.07
C GLY C 180 -13.03 21.91 0.25
N PRO C 181 -13.84 22.92 -0.14
CA PRO C 181 -13.49 24.30 0.17
C PRO C 181 -13.25 24.52 1.67
N ARG C 182 -14.06 23.90 2.53
CA ARG C 182 -13.97 24.08 3.99
C ARG C 182 -14.25 22.75 4.70
N ALA C 183 -13.29 22.29 5.50
CA ALA C 183 -13.42 20.98 6.19
C ALA C 183 -14.66 21.01 7.10
N GLU C 184 -14.92 22.12 7.76
CA GLU C 184 -16.09 22.20 8.69
C GLU C 184 -17.39 21.98 7.92
N ASP C 185 -17.48 22.33 6.64
CA ASP C 185 -18.72 22.15 5.85
C ASP C 185 -18.83 20.70 5.36
N LEU C 186 -17.76 19.93 5.40
CA LEU C 186 -17.81 18.48 5.07
C LEU C 186 -18.35 17.68 6.26
N LEU C 187 -18.39 18.25 7.46
CA LEU C 187 -18.70 17.48 8.70
C LEU C 187 -20.18 17.07 8.72
N PRO C 188 -21.19 17.92 8.42
CA PRO C 188 -22.58 17.50 8.61
C PRO C 188 -22.93 16.20 7.87
N PRO C 189 -22.61 16.05 6.56
CA PRO C 189 -22.89 14.79 5.87
C PRO C 189 -22.13 13.59 6.44
N VAL C 190 -20.89 13.79 6.91
CA VAL C 190 -20.13 12.68 7.55
C VAL C 190 -20.88 12.22 8.80
N LEU C 191 -21.37 13.16 9.62
CA LEU C 191 -22.09 12.82 10.87
C LEU C 191 -23.42 12.11 10.52
N ALA C 192 -24.12 12.57 9.49
CA ALA C 192 -25.40 11.94 9.04
C ALA C 192 -25.10 10.49 8.66
N GLY C 193 -23.98 10.26 7.96
CA GLY C 193 -23.60 8.90 7.55
C GLY C 193 -23.28 8.04 8.75
N LEU C 194 -22.48 8.55 9.69
CA LEU C 194 -22.13 7.80 10.93
C LEU C 194 -23.38 7.44 11.74
N GLY C 195 -24.46 8.22 11.67
CA GLY C 195 -25.73 7.96 12.35
C GLY C 195 -26.40 6.66 11.90
N ARG C 196 -26.01 6.13 10.75
CA ARG C 196 -26.61 4.89 10.21
C ARG C 196 -25.96 3.66 10.86
N THR C 197 -24.87 3.86 11.58
CA THR C 197 -24.22 2.73 12.30
C THR C 197 -24.30 3.01 13.80
N ASP C 198 -23.63 2.19 14.60
CA ASP C 198 -23.65 2.38 16.06
C ASP C 198 -22.26 2.29 16.67
N ARG C 199 -22.16 2.61 17.96
CA ARG C 199 -20.85 2.60 18.66
C ARG C 199 -20.31 1.16 18.76
N SER C 200 -21.19 0.19 19.01
CA SER C 200 -20.82 -1.24 19.06
C SER C 200 -20.09 -1.64 17.76
N THR C 201 -20.67 -1.25 16.63
CA THR C 201 -20.11 -1.61 15.30
C THR C 201 -18.81 -0.86 15.04
N THR C 202 -18.79 0.44 15.28
CA THR C 202 -17.56 1.25 15.06
C THR C 202 -16.43 0.68 15.93
N ALA C 203 -16.70 0.34 17.19
CA ALA C 203 -15.67 -0.19 18.11
C ALA C 203 -15.12 -1.50 17.55
N ALA C 204 -16.01 -2.37 17.06
CA ALA C 204 -15.61 -3.67 16.49
C ALA C 204 -14.79 -3.48 15.22
N LEU C 205 -15.16 -2.50 14.41
CA LEU C 205 -14.43 -2.23 13.14
C LEU C 205 -13.01 -1.77 13.47
N LYS C 206 -12.86 -0.87 14.45
CA LYS C 206 -11.53 -0.35 14.84
C LYS C 206 -10.68 -1.43 15.49
N GLU C 207 -11.29 -2.29 16.28
CA GLU C 207 -10.58 -3.42 16.90
C GLU C 207 -10.10 -4.36 15.79
N TYR C 208 -10.92 -4.61 14.78
CA TYR C 208 -10.53 -5.50 13.66
C TYR C 208 -9.40 -4.86 12.85
N ARG C 209 -9.41 -3.53 12.68
CA ARG C 209 -8.29 -2.88 11.97
C ARG C 209 -6.99 -3.17 12.71
N ALA C 210 -6.98 -3.09 14.05
CA ALA C 210 -5.80 -3.42 14.87
C ALA C 210 -5.42 -4.91 14.79
N ARG C 211 -6.38 -5.81 14.61
CA ARG C 211 -6.15 -7.27 14.43
C ARG C 211 -5.47 -7.50 13.07
N LEU C 212 -5.93 -6.82 12.02
CA LEU C 212 -5.47 -7.06 10.62
C LEU C 212 -4.17 -6.32 10.35
N PHE C 213 -4.01 -5.12 10.92
CA PHE C 213 -2.84 -4.21 10.66
C PHE C 213 -2.25 -3.75 11.98
N PRO C 214 -1.63 -4.68 12.74
CA PRO C 214 -1.20 -4.40 14.09
C PRO C 214 0.09 -3.55 14.15
N ARG C 215 0.26 -2.83 15.27
CA ARG C 215 1.54 -2.21 15.71
C ARG C 215 2.07 -3.12 16.83
N ASP C 216 3.32 -3.56 16.74
CA ASP C 216 3.89 -4.50 17.75
C ASP C 216 3.98 -3.79 19.10
N ALA C 217 4.07 -4.55 20.19
CA ALA C 217 3.90 -4.04 21.56
C ALA C 217 5.07 -3.14 21.97
N ARG C 218 6.23 -3.23 21.31
CA ARG C 218 7.42 -2.45 21.69
C ARG C 218 7.49 -1.14 20.87
N LEU C 219 6.61 -0.96 19.87
CA LEU C 219 6.80 0.17 18.93
C LEU C 219 6.65 1.53 19.65
N GLY C 220 5.67 1.72 20.55
CA GLY C 220 5.51 3.02 21.23
C GLY C 220 6.76 3.43 21.99
N HIS C 221 7.37 2.49 22.69
CA HIS C 221 8.63 2.71 23.43
C HIS C 221 9.77 3.03 22.44
N ASP C 222 9.92 2.22 21.41
CA ASP C 222 11.01 2.40 20.42
C ASP C 222 10.87 3.77 19.73
N ALA C 223 9.66 4.16 19.36
CA ALA C 223 9.41 5.43 18.67
C ALA C 223 9.67 6.59 19.63
N SER C 224 9.19 6.48 20.88
CA SER C 224 9.37 7.52 21.93
C SER C 224 10.88 7.72 22.16
N ARG C 225 11.64 6.63 22.28
CA ARG C 225 13.10 6.66 22.50
C ARG C 225 13.81 7.37 21.36
N LEU C 226 13.41 7.06 20.13
CA LEU C 226 14.10 7.65 18.95
C LEU C 226 13.88 9.17 18.93
N LEU C 227 12.72 9.68 19.31
CA LEU C 227 12.55 11.14 19.37
C LEU C 227 13.43 11.71 20.49
N ILE C 228 13.39 11.15 21.71
CA ILE C 228 14.23 11.64 22.84
C ILE C 228 15.72 11.59 22.50
N GLU C 229 16.21 10.48 21.95
CA GLU C 229 17.65 10.34 21.66
C GLU C 229 18.09 11.34 20.59
N ARG C 230 17.22 11.79 19.69
CA ARG C 230 17.71 12.76 18.67
C ARG C 230 17.60 14.21 19.13
N PHE C 231 16.78 14.53 20.11
CA PHE C 231 16.95 15.86 20.77
C PHE C 231 18.40 16.00 21.25
N ALA C 232 19.00 14.92 21.75
CA ALA C 232 20.33 14.86 22.37
C ALA C 232 21.48 14.88 21.34
N ALA C 233 21.23 14.54 20.07
CA ALA C 233 22.27 14.44 19.01
C ALA C 233 22.95 15.79 18.83
N PRO C 234 24.31 15.88 18.70
CA PRO C 234 25.01 17.16 18.59
C PRO C 234 24.57 18.01 17.38
N GLY C 235 24.34 17.37 16.23
CA GLY C 235 23.91 18.02 14.97
C GLY C 235 22.56 18.71 15.08
N THR C 236 21.74 18.34 16.09
CA THR C 236 20.32 18.75 16.24
C THR C 236 20.25 20.21 16.65
N GLY C 237 21.10 20.64 17.60
CA GLY C 237 21.24 22.04 18.05
C GLY C 237 22.39 22.74 17.35
#